data_1IV0
#
_entry.id   1IV0
#
_cell.length_a   1.000
_cell.length_b   1.000
_cell.length_c   1.000
_cell.angle_alpha   90.00
_cell.angle_beta   90.00
_cell.angle_gamma   90.00
#
_symmetry.space_group_name_H-M   'P 1'
#
_entity_poly.entity_id   1
_entity_poly.type   'polypeptide(L)'
_entity_poly.pdbx_seq_one_letter_code
;MRVGALDVGEARIGLAVGEEGVPLASGRGYLVRKTLEEDVEALLDFVRREGLGKLVVGLPLRTDLKESAQAGKVLPLVEA
LRARGVEVELWDERFTTK
;
_entity_poly.pdbx_strand_id   A
#
# COMPACT_ATOMS: atom_id res chain seq x y z
N MET A 1 -1.54 13.83 -10.43
CA MET A 1 -0.37 12.99 -10.27
C MET A 1 -0.22 12.54 -8.81
N ARG A 2 -1.34 12.23 -8.18
CA ARG A 2 -1.34 11.78 -6.79
C ARG A 2 -1.47 10.26 -6.71
N VAL A 3 -0.66 9.63 -5.88
CA VAL A 3 -0.69 8.19 -5.71
C VAL A 3 -0.51 7.80 -4.25
N GLY A 4 -1.30 6.83 -3.79
CA GLY A 4 -1.20 6.39 -2.42
C GLY A 4 -0.05 5.42 -2.20
N ALA A 5 0.76 5.69 -1.17
CA ALA A 5 1.90 4.84 -0.85
C ALA A 5 1.74 4.21 0.52
N LEU A 6 1.99 2.91 0.60
CA LEU A 6 1.87 2.19 1.87
C LEU A 6 3.20 1.55 2.26
N ASP A 7 3.51 1.63 3.56
CA ASP A 7 4.74 1.07 4.09
C ASP A 7 4.54 0.63 5.53
N VAL A 8 5.27 -0.41 5.94
CA VAL A 8 5.16 -0.92 7.30
C VAL A 8 6.47 -1.51 7.77
N GLY A 9 6.95 -1.04 8.93
CA GLY A 9 8.19 -1.56 9.48
C GLY A 9 7.97 -2.79 10.33
N GLU A 10 7.10 -2.67 11.33
CA GLU A 10 6.79 -3.78 12.22
C GLU A 10 5.81 -3.34 13.30
N ALA A 11 4.89 -2.44 12.95
CA ALA A 11 3.89 -1.94 13.88
C ALA A 11 3.16 -0.72 13.31
N ARG A 12 3.93 0.23 12.78
CA ARG A 12 3.37 1.44 12.20
C ARG A 12 3.42 1.41 10.68
N ILE A 13 2.35 1.90 10.05
CA ILE A 13 2.28 1.94 8.59
C ILE A 13 2.41 3.38 8.10
N GLY A 14 3.32 3.60 7.15
CA GLY A 14 3.52 4.95 6.62
C GLY A 14 2.56 5.29 5.49
N LEU A 15 2.10 6.54 5.47
CA LEU A 15 1.18 6.99 4.43
C LEU A 15 1.80 8.12 3.61
N ALA A 16 1.77 7.98 2.30
CA ALA A 16 2.33 8.98 1.40
C ALA A 16 1.43 9.22 0.21
N VAL A 17 1.41 10.45 -0.30
CA VAL A 17 0.58 10.79 -1.45
C VAL A 17 1.23 11.86 -2.30
N GLY A 18 1.53 11.50 -3.55
CA GLY A 18 2.15 12.43 -4.47
C GLY A 18 2.41 11.80 -5.82
N GLU A 19 3.46 12.26 -6.50
CA GLU A 19 3.82 11.72 -7.80
C GLU A 19 4.54 10.39 -7.64
N GLU A 20 4.37 9.50 -8.62
CA GLU A 20 5.00 8.18 -8.57
C GLU A 20 6.46 8.28 -8.18
N GLY A 21 7.22 9.07 -8.93
CA GLY A 21 8.63 9.25 -8.63
C GLY A 21 8.87 10.32 -7.59
N VAL A 22 9.66 10.00 -6.56
CA VAL A 22 9.96 10.96 -5.52
C VAL A 22 11.34 10.70 -4.91
N PRO A 23 12.21 11.74 -4.87
CA PRO A 23 13.56 11.61 -4.33
C PRO A 23 13.60 11.68 -2.81
N LEU A 24 12.90 12.66 -2.24
CA LEU A 24 12.87 12.83 -0.79
C LEU A 24 12.20 11.64 -0.11
N ALA A 25 10.88 11.53 -0.28
CA ALA A 25 10.12 10.44 0.31
C ALA A 25 8.62 10.66 0.18
N SER A 26 8.19 11.90 0.40
CA SER A 26 6.77 12.27 0.31
C SER A 26 5.94 11.46 1.31
N GLY A 27 5.00 12.13 1.97
CA GLY A 27 4.16 11.46 2.94
C GLY A 27 2.77 12.07 3.03
N ARG A 28 2.14 11.93 4.19
CA ARG A 28 0.80 12.47 4.39
C ARG A 28 0.30 12.17 5.80
N GLY A 29 0.55 10.95 6.27
CA GLY A 29 0.12 10.56 7.60
C GLY A 29 0.65 9.20 8.00
N TYR A 30 -0.20 8.40 8.64
CA TYR A 30 0.19 7.06 9.09
C TYR A 30 -0.98 6.35 9.79
N LEU A 31 -1.01 5.03 9.70
CA LEU A 31 -2.07 4.25 10.32
C LEU A 31 -1.50 3.01 11.01
N VAL A 32 -1.99 2.73 12.22
CA VAL A 32 -1.55 1.57 12.97
C VAL A 32 -2.15 0.29 12.39
N ARG A 33 -1.41 -0.81 12.47
CA ARG A 33 -1.88 -2.08 11.95
C ARG A 33 -3.24 -2.45 12.53
N LYS A 34 -4.11 -3.01 11.70
CA LYS A 34 -5.45 -3.40 12.13
C LYS A 34 -5.80 -4.78 11.56
N THR A 35 -7.09 -5.03 11.32
CA THR A 35 -7.52 -6.31 10.77
C THR A 35 -7.47 -6.29 9.23
N LEU A 36 -8.14 -7.24 8.58
CA LEU A 36 -8.17 -7.29 7.13
C LEU A 36 -9.16 -6.27 6.57
N GLU A 37 -10.42 -6.44 6.94
CA GLU A 37 -11.47 -5.54 6.49
C GLU A 37 -11.25 -4.13 7.03
N GLU A 38 -10.76 -4.05 8.25
CA GLU A 38 -10.51 -2.76 8.89
C GLU A 38 -9.56 -1.91 8.05
N ASP A 39 -8.39 -2.46 7.72
CA ASP A 39 -7.41 -1.73 6.92
C ASP A 39 -8.06 -1.19 5.65
N VAL A 40 -8.90 -2.00 5.02
CA VAL A 40 -9.60 -1.59 3.81
C VAL A 40 -10.43 -0.35 4.09
N GLU A 41 -11.16 -0.42 5.21
CA GLU A 41 -12.01 0.69 5.64
C GLU A 41 -11.20 1.98 5.77
N ALA A 42 -10.05 1.90 6.43
CA ALA A 42 -9.18 3.06 6.60
C ALA A 42 -8.63 3.53 5.26
N LEU A 43 -8.19 2.57 4.46
CA LEU A 43 -7.63 2.86 3.15
C LEU A 43 -8.67 3.49 2.22
N LEU A 44 -9.84 2.87 2.14
CA LEU A 44 -10.91 3.40 1.30
C LEU A 44 -11.27 4.82 1.69
N ASP A 45 -11.49 5.04 2.98
CA ASP A 45 -11.82 6.37 3.47
C ASP A 45 -10.89 7.42 2.89
N PHE A 46 -9.60 7.09 2.83
CA PHE A 46 -8.61 8.02 2.30
C PHE A 46 -8.54 7.93 0.76
N VAL A 47 -8.25 6.74 0.25
CA VAL A 47 -8.14 6.54 -1.19
C VAL A 47 -9.41 6.97 -1.93
N ARG A 48 -10.57 6.55 -1.42
CA ARG A 48 -11.85 6.88 -2.04
C ARG A 48 -12.16 8.38 -1.96
N ARG A 49 -12.11 8.95 -0.77
CA ARG A 49 -12.41 10.36 -0.58
C ARG A 49 -11.31 11.26 -1.14
N GLU A 50 -10.05 10.92 -0.88
CA GLU A 50 -8.93 11.71 -1.37
C GLU A 50 -8.88 11.73 -2.89
N GLY A 51 -9.61 10.82 -3.53
CA GLY A 51 -9.62 10.76 -4.97
C GLY A 51 -8.27 10.43 -5.56
N LEU A 52 -7.56 9.50 -4.91
CA LEU A 52 -6.24 9.09 -5.37
C LEU A 52 -6.34 8.31 -6.68
N GLY A 53 -7.27 7.36 -6.73
CA GLY A 53 -7.47 6.56 -7.91
C GLY A 53 -6.21 5.85 -8.36
N LYS A 54 -5.38 5.48 -7.39
CA LYS A 54 -4.13 4.78 -7.67
C LYS A 54 -3.36 4.51 -6.38
N LEU A 55 -2.91 3.28 -6.19
CA LEU A 55 -2.17 2.93 -4.98
C LEU A 55 -0.95 2.08 -5.29
N VAL A 56 0.18 2.44 -4.69
CA VAL A 56 1.43 1.72 -4.88
C VAL A 56 1.93 1.19 -3.53
N VAL A 57 2.38 -0.06 -3.52
CA VAL A 57 2.87 -0.67 -2.27
C VAL A 57 3.97 -1.69 -2.51
N GLY A 58 5.06 -1.55 -1.77
CA GLY A 58 6.18 -2.47 -1.90
C GLY A 58 6.11 -3.60 -0.89
N LEU A 59 6.39 -4.81 -1.35
CA LEU A 59 6.36 -5.98 -0.48
C LEU A 59 7.18 -7.13 -1.10
N PRO A 60 7.96 -7.85 -0.27
CA PRO A 60 8.77 -8.97 -0.75
C PRO A 60 7.93 -10.05 -1.42
N LEU A 61 6.84 -10.43 -0.77
CA LEU A 61 5.95 -11.45 -1.31
C LEU A 61 6.66 -12.79 -1.44
N ARG A 62 6.07 -13.83 -0.87
CA ARG A 62 6.64 -15.18 -0.93
C ARG A 62 6.40 -15.79 -2.31
N THR A 63 5.26 -15.46 -2.91
CA THR A 63 4.89 -15.98 -4.22
C THR A 63 4.58 -17.47 -4.16
N ASP A 64 3.40 -17.84 -4.66
CA ASP A 64 2.96 -19.23 -4.66
C ASP A 64 1.57 -19.36 -5.26
N LEU A 65 1.36 -20.37 -6.08
CA LEU A 65 0.06 -20.60 -6.71
C LEU A 65 -1.04 -20.70 -5.67
N LYS A 66 -0.89 -21.65 -4.74
CA LYS A 66 -1.86 -21.84 -3.68
C LYS A 66 -1.54 -20.98 -2.47
N GLU A 67 -2.55 -20.27 -1.98
CA GLU A 67 -2.37 -19.40 -0.82
C GLU A 67 -1.36 -18.29 -1.12
N SER A 68 -1.59 -17.12 -0.53
CA SER A 68 -0.70 -15.98 -0.75
C SER A 68 -0.93 -14.91 0.33
N ALA A 69 -0.69 -13.65 0.00
CA ALA A 69 -0.87 -12.56 0.96
C ALA A 69 0.01 -12.78 2.18
N GLN A 70 1.23 -13.24 1.95
CA GLN A 70 2.18 -13.50 3.05
C GLN A 70 2.60 -12.20 3.72
N ALA A 71 2.47 -12.19 5.04
CA ALA A 71 2.84 -11.04 5.84
C ALA A 71 2.02 -9.80 5.48
N GLY A 72 1.55 -9.10 6.49
CA GLY A 72 0.76 -7.89 6.27
C GLY A 72 -0.54 -8.15 5.52
N LYS A 73 -1.62 -7.61 6.04
CA LYS A 73 -2.94 -7.76 5.42
C LYS A 73 -3.18 -6.69 4.36
N VAL A 74 -2.20 -6.52 3.48
CA VAL A 74 -2.30 -5.51 2.42
C VAL A 74 -3.10 -6.03 1.22
N LEU A 75 -2.93 -7.31 0.91
CA LEU A 75 -3.63 -7.93 -0.22
C LEU A 75 -5.13 -7.62 -0.21
N PRO A 76 -5.80 -7.77 0.96
CA PRO A 76 -7.24 -7.50 1.08
C PRO A 76 -7.67 -6.23 0.36
N LEU A 77 -6.79 -5.23 0.33
CA LEU A 77 -7.08 -3.96 -0.33
C LEU A 77 -6.85 -4.04 -1.82
N VAL A 78 -5.72 -4.63 -2.21
CA VAL A 78 -5.37 -4.75 -3.62
C VAL A 78 -6.53 -5.34 -4.43
N GLU A 79 -7.26 -6.28 -3.82
CA GLU A 79 -8.39 -6.90 -4.50
C GLU A 79 -9.52 -5.89 -4.69
N ALA A 80 -9.73 -5.04 -3.69
CA ALA A 80 -10.77 -4.02 -3.77
C ALA A 80 -10.46 -3.03 -4.88
N LEU A 81 -9.22 -2.56 -4.90
CA LEU A 81 -8.78 -1.60 -5.90
C LEU A 81 -8.93 -2.16 -7.32
N ARG A 82 -8.40 -3.37 -7.52
CA ARG A 82 -8.47 -4.02 -8.82
C ARG A 82 -9.92 -4.20 -9.26
N ALA A 83 -10.76 -4.63 -8.34
CA ALA A 83 -12.18 -4.85 -8.62
C ALA A 83 -12.88 -3.56 -9.01
N ARG A 84 -12.56 -2.47 -8.30
CA ARG A 84 -13.18 -1.18 -8.58
C ARG A 84 -12.47 -0.43 -9.71
N GLY A 85 -11.66 -1.15 -10.49
CA GLY A 85 -10.95 -0.52 -11.59
C GLY A 85 -9.99 0.56 -11.13
N VAL A 86 -9.36 0.32 -9.99
CA VAL A 86 -8.40 1.27 -9.44
C VAL A 86 -6.97 0.86 -9.76
N GLU A 87 -6.17 1.81 -10.25
CA GLU A 87 -4.79 1.54 -10.60
C GLU A 87 -3.99 1.10 -9.38
N VAL A 88 -3.22 0.03 -9.53
CA VAL A 88 -2.40 -0.49 -8.43
C VAL A 88 -1.24 -1.33 -8.96
N GLU A 89 -0.14 -1.34 -8.21
CA GLU A 89 1.03 -2.10 -8.60
C GLU A 89 1.99 -2.28 -7.42
N LEU A 90 2.37 -3.54 -7.17
CA LEU A 90 3.28 -3.85 -6.07
C LEU A 90 4.70 -3.45 -6.43
N TRP A 91 5.32 -2.65 -5.58
CA TRP A 91 6.69 -2.20 -5.81
C TRP A 91 7.69 -3.30 -5.46
N ASP A 92 8.56 -3.62 -6.41
CA ASP A 92 9.56 -4.67 -6.20
C ASP A 92 10.63 -4.19 -5.21
N GLU A 93 11.86 -4.68 -5.36
CA GLU A 93 12.95 -4.28 -4.47
C GLU A 93 13.26 -2.80 -4.62
N ARG A 94 13.42 -2.14 -3.49
CA ARG A 94 13.72 -0.71 -3.50
C ARG A 94 15.05 -0.43 -4.18
N PHE A 95 16.10 -1.07 -3.68
CA PHE A 95 17.44 -0.90 -4.24
C PHE A 95 17.67 -1.83 -5.43
N THR A 96 18.28 -1.32 -6.48
CA THR A 96 18.56 -2.10 -7.67
C THR A 96 19.37 -1.31 -8.69
N THR A 97 20.46 -1.92 -9.16
CA THR A 97 21.32 -1.27 -10.14
C THR A 97 20.65 -1.21 -11.52
N LYS A 98 20.75 -0.06 -12.18
CA LYS A 98 20.15 0.12 -13.49
C LYS A 98 20.72 -0.86 -14.49
N MET A 1 0.13 13.64 -11.35
CA MET A 1 -0.51 12.38 -10.97
C MET A 1 -0.15 12.00 -9.54
N ARG A 2 -1.16 11.72 -8.73
CA ARG A 2 -0.95 11.33 -7.34
C ARG A 2 -1.15 9.84 -7.14
N VAL A 3 -0.27 9.23 -6.35
CA VAL A 3 -0.35 7.80 -6.08
C VAL A 3 -0.19 7.51 -4.60
N GLY A 4 -1.06 6.66 -4.07
CA GLY A 4 -0.99 6.31 -2.66
C GLY A 4 0.10 5.28 -2.39
N ALA A 5 0.82 5.45 -1.29
CA ALA A 5 1.89 4.53 -0.94
C ALA A 5 1.80 4.06 0.50
N LEU A 6 1.96 2.76 0.71
CA LEU A 6 1.89 2.18 2.05
C LEU A 6 3.22 1.53 2.43
N ASP A 7 3.63 1.75 3.67
CA ASP A 7 4.89 1.19 4.18
C ASP A 7 4.74 0.72 5.61
N VAL A 8 5.28 -0.46 5.90
CA VAL A 8 5.20 -1.02 7.25
C VAL A 8 6.54 -0.91 7.97
N GLY A 9 6.49 -0.54 9.25
CA GLY A 9 7.70 -0.40 10.03
C GLY A 9 7.56 -1.02 11.41
N GLU A 10 6.44 -0.73 12.07
CA GLU A 10 6.18 -1.26 13.41
C GLU A 10 4.81 -0.81 13.91
N ALA A 11 3.86 -1.74 13.91
CA ALA A 11 2.50 -1.45 14.37
C ALA A 11 1.99 -0.14 13.78
N ARG A 12 2.46 0.20 12.59
CA ARG A 12 2.06 1.42 11.93
C ARG A 12 2.44 1.41 10.46
N ILE A 13 1.58 1.98 9.62
CA ILE A 13 1.83 2.05 8.19
C ILE A 13 2.05 3.50 7.75
N GLY A 14 3.09 3.73 6.95
CA GLY A 14 3.36 5.09 6.50
C GLY A 14 2.51 5.49 5.31
N LEU A 15 1.95 6.68 5.37
CA LEU A 15 1.11 7.19 4.28
C LEU A 15 1.85 8.25 3.47
N ALA A 16 1.84 8.07 2.15
CA ALA A 16 2.51 9.01 1.26
C ALA A 16 1.77 9.11 -0.08
N VAL A 17 1.83 10.27 -0.70
CA VAL A 17 1.15 10.47 -1.98
C VAL A 17 1.92 11.43 -2.88
N GLY A 18 2.18 10.99 -4.11
CA GLY A 18 2.89 11.81 -5.06
C GLY A 18 3.08 11.11 -6.40
N GLU A 19 4.17 11.44 -7.09
CA GLU A 19 4.46 10.83 -8.38
C GLU A 19 5.19 9.50 -8.20
N GLU A 20 4.86 8.52 -9.03
CA GLU A 20 5.49 7.21 -8.95
C GLU A 20 7.00 7.32 -8.94
N GLY A 21 7.65 6.60 -8.02
CA GLY A 21 9.09 6.66 -7.92
C GLY A 21 9.60 8.04 -7.57
N VAL A 22 9.06 8.60 -6.48
CA VAL A 22 9.46 9.93 -6.05
C VAL A 22 10.96 9.99 -5.74
N PRO A 23 11.69 10.96 -6.33
CA PRO A 23 13.13 11.09 -6.11
C PRO A 23 13.47 11.42 -4.67
N LEU A 24 12.73 12.35 -4.08
CA LEU A 24 12.95 12.75 -2.70
C LEU A 24 11.70 13.43 -2.12
N ALA A 25 11.53 13.32 -0.80
CA ALA A 25 10.39 13.92 -0.12
C ALA A 25 9.12 13.11 -0.32
N SER A 26 8.38 12.91 0.77
CA SER A 26 7.14 12.15 0.74
C SER A 26 6.52 12.07 2.12
N GLY A 27 5.24 12.38 2.22
CA GLY A 27 4.56 12.35 3.51
C GLY A 27 3.11 12.78 3.41
N ARG A 28 2.26 12.17 4.24
CA ARG A 28 0.83 12.50 4.25
C ARG A 28 0.21 12.15 5.60
N GLY A 29 0.56 10.97 6.12
CA GLY A 29 0.01 10.56 7.41
C GLY A 29 0.57 9.23 7.87
N TYR A 30 -0.31 8.38 8.41
CA TYR A 30 0.10 7.07 8.91
C TYR A 30 -1.10 6.31 9.48
N LEU A 31 -1.15 5.01 9.22
CA LEU A 31 -2.25 4.18 9.71
C LEU A 31 -1.73 3.07 10.62
N VAL A 32 -2.28 2.98 11.82
CA VAL A 32 -1.88 1.95 12.77
C VAL A 32 -2.40 0.59 12.32
N ARG A 33 -1.61 -0.47 12.56
CA ARG A 33 -2.02 -1.81 12.17
C ARG A 33 -3.37 -2.18 12.76
N LYS A 34 -4.12 -3.01 12.03
CA LYS A 34 -5.44 -3.45 12.47
C LYS A 34 -5.74 -4.85 11.93
N THR A 35 -7.03 -5.17 11.75
CA THR A 35 -7.41 -6.47 11.23
C THR A 35 -7.42 -6.44 9.70
N LEU A 36 -8.14 -7.35 9.06
CA LEU A 36 -8.20 -7.39 7.61
C LEU A 36 -9.21 -6.38 7.08
N GLU A 37 -10.41 -6.39 7.65
CA GLU A 37 -11.47 -5.48 7.24
C GLU A 37 -11.12 -4.03 7.58
N GLU A 38 -10.51 -3.83 8.74
CA GLU A 38 -10.13 -2.49 9.19
C GLU A 38 -9.16 -1.86 8.20
N ASP A 39 -8.06 -2.56 7.94
CA ASP A 39 -7.03 -2.08 7.03
C ASP A 39 -7.64 -1.68 5.68
N VAL A 40 -8.48 -2.56 5.12
CA VAL A 40 -9.11 -2.27 3.83
C VAL A 40 -9.97 -1.02 3.96
N GLU A 41 -10.86 -1.05 4.92
CA GLU A 41 -11.76 0.06 5.17
C GLU A 41 -10.99 1.37 5.36
N ALA A 42 -9.92 1.32 6.16
CA ALA A 42 -9.11 2.49 6.41
C ALA A 42 -8.46 3.00 5.13
N LEU A 43 -7.89 2.08 4.37
CA LEU A 43 -7.23 2.43 3.10
C LEU A 43 -8.22 2.99 2.10
N LEU A 44 -9.38 2.36 1.99
CA LEU A 44 -10.40 2.82 1.06
C LEU A 44 -10.85 4.23 1.42
N ASP A 45 -11.13 4.45 2.70
CA ASP A 45 -11.56 5.75 3.18
C ASP A 45 -10.66 6.86 2.63
N PHE A 46 -9.36 6.59 2.62
CA PHE A 46 -8.39 7.55 2.12
C PHE A 46 -8.40 7.62 0.60
N VAL A 47 -8.54 6.47 -0.04
CA VAL A 47 -8.55 6.41 -1.51
C VAL A 47 -9.73 7.16 -2.12
N ARG A 48 -10.94 6.85 -1.69
CA ARG A 48 -12.14 7.51 -2.24
C ARG A 48 -12.27 8.96 -1.77
N ARG A 49 -12.43 9.16 -0.47
CA ARG A 49 -12.59 10.50 0.08
C ARG A 49 -11.54 11.48 -0.47
N GLU A 50 -10.27 11.09 -0.41
CA GLU A 50 -9.19 11.95 -0.89
C GLU A 50 -9.13 11.93 -2.42
N GLY A 51 -9.94 11.09 -3.05
CA GLY A 51 -9.96 11.01 -4.50
C GLY A 51 -8.61 10.64 -5.09
N LEU A 52 -7.91 9.73 -4.42
CA LEU A 52 -6.60 9.28 -4.89
C LEU A 52 -6.72 8.40 -6.13
N GLY A 53 -7.54 7.37 -6.02
CA GLY A 53 -7.74 6.46 -7.13
C GLY A 53 -6.44 5.88 -7.64
N LYS A 54 -5.56 5.50 -6.73
CA LYS A 54 -4.27 4.93 -7.09
C LYS A 54 -3.49 4.53 -5.83
N LEU A 55 -3.04 3.29 -5.77
CA LEU A 55 -2.29 2.81 -4.62
C LEU A 55 -1.14 1.89 -5.02
N VAL A 56 0.02 2.11 -4.41
CA VAL A 56 1.19 1.29 -4.69
C VAL A 56 1.63 0.54 -3.43
N VAL A 57 1.76 -0.78 -3.55
CA VAL A 57 2.16 -1.61 -2.42
C VAL A 57 3.66 -1.54 -2.17
N GLY A 58 4.05 -1.77 -0.92
CA GLY A 58 5.45 -1.75 -0.55
C GLY A 58 5.70 -2.50 0.73
N LEU A 59 6.68 -3.40 0.72
CA LEU A 59 7.00 -4.20 1.90
C LEU A 59 8.46 -4.63 1.90
N PRO A 60 9.14 -4.54 3.07
CA PRO A 60 10.55 -4.93 3.19
C PRO A 60 10.74 -6.44 3.06
N LEU A 61 11.81 -6.85 2.39
CA LEU A 61 12.10 -8.27 2.20
C LEU A 61 12.17 -9.00 3.54
N ARG A 62 11.42 -10.09 3.65
CA ARG A 62 11.40 -10.88 4.88
C ARG A 62 12.69 -11.66 5.05
N THR A 63 13.24 -11.63 6.26
CA THR A 63 14.48 -12.35 6.56
C THR A 63 14.28 -13.86 6.50
N ASP A 64 15.18 -14.53 5.77
CA ASP A 64 15.13 -15.98 5.61
C ASP A 64 13.71 -16.46 5.30
N LEU A 65 13.52 -17.78 5.33
CA LEU A 65 12.21 -18.37 5.05
C LEU A 65 11.31 -18.29 6.28
N LYS A 66 11.89 -18.62 7.44
CA LYS A 66 11.14 -18.60 8.69
C LYS A 66 10.53 -17.22 8.94
N GLU A 67 9.28 -17.21 9.39
CA GLU A 67 8.58 -15.96 9.67
C GLU A 67 7.50 -16.17 10.73
N SER A 68 7.47 -15.30 11.73
CA SER A 68 6.49 -15.40 12.80
C SER A 68 5.07 -15.19 12.26
N ALA A 69 4.85 -14.04 11.65
CA ALA A 69 3.53 -13.72 11.09
C ALA A 69 3.41 -14.22 9.66
N GLN A 70 2.38 -15.01 9.40
CA GLN A 70 2.16 -15.55 8.06
C GLN A 70 1.43 -14.55 7.19
N ALA A 71 2.01 -14.27 6.03
CA ALA A 71 1.43 -13.34 5.08
C ALA A 71 1.15 -11.99 5.76
N GLY A 72 -0.04 -11.41 5.50
CA GLY A 72 -0.39 -10.15 6.10
C GLY A 72 -1.86 -9.79 5.87
N LYS A 73 -2.11 -8.53 5.53
CA LYS A 73 -3.48 -8.08 5.27
C LYS A 73 -3.47 -6.81 4.42
N VAL A 74 -2.48 -6.70 3.54
CA VAL A 74 -2.37 -5.54 2.66
C VAL A 74 -2.91 -5.87 1.27
N LEU A 75 -2.56 -7.06 0.79
CA LEU A 75 -3.00 -7.52 -0.53
C LEU A 75 -4.52 -7.48 -0.66
N PRO A 76 -5.27 -7.94 0.36
CA PRO A 76 -6.73 -7.95 0.33
C PRO A 76 -7.31 -6.62 -0.17
N LEU A 77 -6.71 -5.52 0.27
CA LEU A 77 -7.16 -4.20 -0.14
C LEU A 77 -6.81 -3.94 -1.59
N VAL A 78 -5.64 -4.39 -2.01
CA VAL A 78 -5.20 -4.22 -3.39
C VAL A 78 -6.24 -4.77 -4.36
N GLU A 79 -6.87 -5.88 -3.97
CA GLU A 79 -7.88 -6.51 -4.79
C GLU A 79 -9.11 -5.63 -4.93
N ALA A 80 -9.49 -4.99 -3.82
CA ALA A 80 -10.65 -4.10 -3.81
C ALA A 80 -10.48 -2.97 -4.82
N LEU A 81 -9.30 -2.38 -4.84
CA LEU A 81 -9.01 -1.27 -5.74
C LEU A 81 -9.18 -1.69 -7.20
N ARG A 82 -8.61 -2.83 -7.56
CA ARG A 82 -8.70 -3.33 -8.93
C ARG A 82 -10.16 -3.50 -9.35
N ALA A 83 -10.98 -3.99 -8.44
CA ALA A 83 -12.39 -4.20 -8.73
C ALA A 83 -13.06 -2.89 -9.16
N ARG A 84 -12.71 -1.80 -8.50
CA ARG A 84 -13.27 -0.49 -8.82
C ARG A 84 -12.52 0.18 -9.97
N GLY A 85 -11.70 -0.59 -10.69
CA GLY A 85 -10.94 -0.03 -11.80
C GLY A 85 -9.95 1.01 -11.33
N VAL A 86 -9.33 0.75 -10.19
CA VAL A 86 -8.34 1.67 -9.64
C VAL A 86 -6.92 1.20 -9.92
N GLU A 87 -6.06 2.11 -10.35
CA GLU A 87 -4.67 1.78 -10.66
C GLU A 87 -3.95 1.32 -9.40
N VAL A 88 -3.28 0.17 -9.49
CA VAL A 88 -2.55 -0.38 -8.36
C VAL A 88 -1.46 -1.35 -8.83
N GLU A 89 -0.34 -1.36 -8.12
CA GLU A 89 0.77 -2.24 -8.45
C GLU A 89 1.81 -2.27 -7.33
N LEU A 90 2.21 -3.48 -6.95
CA LEU A 90 3.20 -3.67 -5.90
C LEU A 90 4.62 -3.50 -6.44
N TRP A 91 5.48 -2.90 -5.62
CA TRP A 91 6.88 -2.69 -6.00
C TRP A 91 7.81 -3.55 -5.17
N ASP A 92 8.81 -4.14 -5.83
CA ASP A 92 9.78 -4.99 -5.15
C ASP A 92 10.89 -5.42 -6.11
N GLU A 93 11.26 -4.51 -7.00
CA GLU A 93 12.31 -4.79 -7.98
C GLU A 93 13.68 -4.49 -7.40
N ARG A 94 14.59 -5.44 -7.58
CA ARG A 94 15.94 -5.29 -7.08
C ARG A 94 16.92 -6.16 -7.87
N PHE A 95 16.69 -6.27 -9.17
CA PHE A 95 17.54 -7.06 -10.04
C PHE A 95 17.57 -8.53 -9.62
N THR A 96 17.37 -9.42 -10.58
CA THR A 96 17.37 -10.85 -10.31
C THR A 96 18.76 -11.34 -9.92
N THR A 97 18.84 -12.09 -8.82
CA THR A 97 20.12 -12.62 -8.34
C THR A 97 21.22 -11.56 -8.37
N LYS A 98 20.89 -10.36 -7.91
CA LYS A 98 21.84 -9.26 -7.88
C LYS A 98 22.32 -8.93 -9.30
N MET A 1 -0.78 12.99 -11.85
CA MET A 1 0.11 11.85 -11.62
C MET A 1 0.31 11.63 -10.12
N ARG A 2 -0.78 11.67 -9.38
CA ARG A 2 -0.74 11.47 -7.93
C ARG A 2 -0.87 9.98 -7.61
N VAL A 3 0.00 9.46 -6.75
CA VAL A 3 -0.04 8.04 -6.39
C VAL A 3 0.09 7.84 -4.88
N GLY A 4 -0.70 6.91 -4.35
CA GLY A 4 -0.66 6.61 -2.93
C GLY A 4 0.39 5.56 -2.60
N ALA A 5 1.08 5.75 -1.48
CA ALA A 5 2.11 4.80 -1.06
C ALA A 5 1.86 4.32 0.37
N LEU A 6 2.04 3.01 0.58
CA LEU A 6 1.83 2.41 1.89
C LEU A 6 3.06 1.64 2.34
N ASP A 7 3.37 1.71 3.63
CA ASP A 7 4.52 1.02 4.20
C ASP A 7 4.21 0.53 5.61
N VAL A 8 4.67 -0.67 5.93
CA VAL A 8 4.45 -1.26 7.24
C VAL A 8 5.75 -1.38 8.03
N GLY A 9 5.71 -0.97 9.30
CA GLY A 9 6.90 -1.05 10.14
C GLY A 9 6.64 -0.60 11.56
N GLU A 10 7.11 -1.39 12.51
CA GLU A 10 6.94 -1.08 13.93
C GLU A 10 5.47 -0.92 14.29
N ALA A 11 4.67 -1.91 13.87
CA ALA A 11 3.24 -1.91 14.14
C ALA A 11 2.60 -0.60 13.71
N ARG A 12 3.11 -0.01 12.63
CA ARG A 12 2.60 1.24 12.11
C ARG A 12 2.74 1.30 10.59
N ILE A 13 1.72 1.82 9.93
CA ILE A 13 1.74 1.94 8.48
C ILE A 13 1.95 3.40 8.05
N GLY A 14 2.92 3.64 7.18
CA GLY A 14 3.19 4.99 6.73
C GLY A 14 2.34 5.40 5.55
N LEU A 15 1.74 6.58 5.64
CA LEU A 15 0.89 7.09 4.57
C LEU A 15 1.63 8.15 3.75
N ALA A 16 1.60 7.99 2.44
CA ALA A 16 2.28 8.92 1.55
C ALA A 16 1.56 9.00 0.21
N VAL A 17 1.59 10.17 -0.41
CA VAL A 17 0.94 10.38 -1.69
C VAL A 17 1.67 11.43 -2.53
N GLY A 18 2.09 11.03 -3.73
CA GLY A 18 2.79 11.95 -4.60
C GLY A 18 3.18 11.28 -5.91
N GLU A 19 4.29 11.74 -6.49
CA GLU A 19 4.78 11.19 -7.74
C GLU A 19 5.53 9.88 -7.49
N GLU A 20 5.51 8.99 -8.48
CA GLU A 20 6.19 7.71 -8.37
C GLU A 20 7.60 7.86 -7.82
N GLY A 21 8.00 6.94 -6.95
CA GLY A 21 9.32 7.01 -6.35
C GLY A 21 9.41 8.06 -5.26
N VAL A 22 8.41 8.07 -4.38
CA VAL A 22 8.36 9.03 -3.28
C VAL A 22 9.58 8.90 -2.37
N PRO A 23 10.31 10.00 -2.13
CA PRO A 23 11.49 9.99 -1.27
C PRO A 23 11.13 9.76 0.20
N LEU A 24 11.79 8.79 0.82
CA LEU A 24 11.54 8.47 2.22
C LEU A 24 10.10 8.00 2.41
N ALA A 25 9.93 6.85 3.03
CA ALA A 25 8.61 6.28 3.28
C ALA A 25 7.84 7.10 4.32
N SER A 26 6.52 7.15 4.18
CA SER A 26 5.67 7.89 5.10
C SER A 26 5.91 9.39 5.00
N GLY A 27 4.83 10.16 5.00
CA GLY A 27 4.95 11.61 4.92
C GLY A 27 3.60 12.30 5.04
N ARG A 28 2.61 11.80 4.30
CA ARG A 28 1.27 12.37 4.33
C ARG A 28 0.61 12.11 5.68
N GLY A 29 0.79 10.91 6.20
CA GLY A 29 0.21 10.56 7.48
C GLY A 29 0.70 9.22 8.01
N TYR A 30 -0.18 8.47 8.66
CA TYR A 30 0.17 7.17 9.21
C TYR A 30 -1.00 6.53 9.93
N LEU A 31 -1.04 5.20 9.92
CA LEU A 31 -2.11 4.45 10.57
C LEU A 31 -1.57 3.19 11.23
N VAL A 32 -2.01 2.93 12.46
CA VAL A 32 -1.58 1.75 13.20
C VAL A 32 -2.16 0.48 12.60
N ARG A 33 -1.41 -0.62 12.69
CA ARG A 33 -1.88 -1.89 12.14
C ARG A 33 -3.28 -2.23 12.63
N LYS A 34 -4.10 -2.76 11.72
CA LYS A 34 -5.46 -3.13 12.05
C LYS A 34 -5.75 -4.58 11.63
N THR A 35 -6.71 -4.80 10.74
CA THR A 35 -7.03 -6.16 10.30
C THR A 35 -7.71 -6.17 8.93
N LEU A 36 -7.15 -6.98 8.03
CA LEU A 36 -7.64 -7.15 6.65
C LEU A 36 -8.87 -6.30 6.31
N GLU A 37 -10.01 -6.64 6.91
CA GLU A 37 -11.25 -5.91 6.64
C GLU A 37 -11.20 -4.47 7.14
N GLU A 38 -10.72 -4.32 8.36
CA GLU A 38 -10.61 -3.00 8.97
C GLU A 38 -9.71 -2.09 8.16
N ASP A 39 -8.52 -2.59 7.82
CA ASP A 39 -7.56 -1.83 7.02
C ASP A 39 -8.20 -1.25 5.78
N VAL A 40 -9.09 -2.03 5.16
CA VAL A 40 -9.78 -1.58 3.94
C VAL A 40 -10.57 -0.32 4.25
N GLU A 41 -11.29 -0.35 5.36
CA GLU A 41 -12.09 0.79 5.78
C GLU A 41 -11.24 2.05 5.93
N ALA A 42 -10.11 1.92 6.62
CA ALA A 42 -9.21 3.04 6.81
C ALA A 42 -8.59 3.48 5.49
N LEU A 43 -8.12 2.51 4.71
CA LEU A 43 -7.52 2.78 3.41
C LEU A 43 -8.52 3.41 2.46
N LEU A 44 -9.72 2.83 2.38
CA LEU A 44 -10.76 3.36 1.52
C LEU A 44 -11.11 4.78 1.92
N ASP A 45 -11.29 5.01 3.22
CA ASP A 45 -11.61 6.33 3.72
C ASP A 45 -10.72 7.39 3.08
N PHE A 46 -9.43 7.07 2.96
CA PHE A 46 -8.47 8.00 2.38
C PHE A 46 -8.51 7.95 0.85
N VAL A 47 -8.28 6.77 0.30
CA VAL A 47 -8.28 6.59 -1.16
C VAL A 47 -9.60 7.00 -1.80
N ARG A 48 -10.70 6.51 -1.23
CA ARG A 48 -12.04 6.80 -1.75
C ARG A 48 -12.41 8.28 -1.62
N ARG A 49 -12.35 8.80 -0.40
CA ARG A 49 -12.72 10.20 -0.16
C ARG A 49 -11.73 11.17 -0.78
N GLU A 50 -10.43 10.90 -0.64
CA GLU A 50 -9.40 11.77 -1.20
C GLU A 50 -9.34 11.66 -2.73
N GLY A 51 -10.15 10.76 -3.30
CA GLY A 51 -10.17 10.59 -4.74
C GLY A 51 -8.82 10.19 -5.29
N LEU A 52 -8.11 9.35 -4.56
CA LEU A 52 -6.80 8.89 -4.99
C LEU A 52 -6.92 7.92 -6.16
N GLY A 53 -7.74 6.90 -5.98
CA GLY A 53 -7.94 5.91 -7.02
C GLY A 53 -6.62 5.37 -7.55
N LYS A 54 -5.63 5.30 -6.67
CA LYS A 54 -4.30 4.80 -7.04
C LYS A 54 -3.50 4.43 -5.80
N LEU A 55 -2.92 3.24 -5.80
CA LEU A 55 -2.13 2.78 -4.66
C LEU A 55 -0.89 2.01 -5.11
N VAL A 56 0.23 2.29 -4.46
CA VAL A 56 1.50 1.63 -4.77
C VAL A 56 2.19 1.16 -3.50
N VAL A 57 2.79 -0.02 -3.55
CA VAL A 57 3.46 -0.58 -2.40
C VAL A 57 4.58 -1.55 -2.80
N GLY A 58 5.62 -1.60 -1.98
CA GLY A 58 6.75 -2.48 -2.25
C GLY A 58 7.41 -2.97 -0.98
N LEU A 59 7.82 -4.23 -0.98
CA LEU A 59 8.46 -4.82 0.19
C LEU A 59 9.55 -5.81 -0.21
N PRO A 60 10.61 -5.92 0.60
CA PRO A 60 11.73 -6.83 0.33
C PRO A 60 11.26 -8.28 0.17
N LEU A 61 11.92 -9.00 -0.74
CA LEU A 61 11.56 -10.40 -0.99
C LEU A 61 11.66 -11.24 0.29
N ARG A 62 10.60 -11.98 0.58
CA ARG A 62 10.56 -12.83 1.77
C ARG A 62 11.56 -13.97 1.65
N THR A 63 12.31 -14.23 2.71
CA THR A 63 13.29 -15.30 2.73
C THR A 63 12.65 -16.66 3.03
N ASP A 64 11.54 -16.95 2.37
CA ASP A 64 10.83 -18.21 2.58
C ASP A 64 10.41 -18.39 4.03
N LEU A 65 9.70 -17.40 4.57
CA LEU A 65 9.24 -17.45 5.95
C LEU A 65 7.96 -18.30 6.07
N LYS A 66 7.96 -19.47 5.45
CA LYS A 66 6.80 -20.35 5.52
C LYS A 66 6.95 -21.40 6.62
N GLU A 67 7.65 -21.03 7.69
CA GLU A 67 7.86 -21.93 8.81
C GLU A 67 6.63 -21.97 9.72
N SER A 68 6.09 -20.79 10.00
CA SER A 68 4.91 -20.66 10.85
C SER A 68 4.49 -19.20 10.97
N ALA A 69 5.46 -18.33 11.22
CA ALA A 69 5.20 -16.90 11.34
C ALA A 69 4.73 -16.32 10.02
N GLN A 70 3.76 -15.42 10.08
CA GLN A 70 3.23 -14.79 8.88
C GLN A 70 2.29 -13.66 9.22
N ALA A 71 2.47 -12.54 8.52
CA ALA A 71 1.64 -11.38 8.74
C ALA A 71 1.55 -10.52 7.49
N GLY A 72 0.35 -10.09 7.16
CA GLY A 72 0.14 -9.26 5.98
C GLY A 72 -1.30 -8.80 5.86
N LYS A 73 -1.49 -7.58 5.38
CA LYS A 73 -2.84 -7.03 5.22
C LYS A 73 -2.87 -5.95 4.14
N VAL A 74 -1.97 -6.07 3.16
CA VAL A 74 -1.90 -5.12 2.07
C VAL A 74 -2.59 -5.66 0.82
N LEU A 75 -2.33 -6.94 0.53
CA LEU A 75 -2.91 -7.60 -0.64
C LEU A 75 -4.44 -7.50 -0.64
N PRO A 76 -5.11 -7.82 0.49
CA PRO A 76 -6.57 -7.75 0.59
C PRO A 76 -7.12 -6.46 0.02
N LEU A 77 -6.42 -5.35 0.28
CA LEU A 77 -6.85 -4.06 -0.22
C LEU A 77 -6.77 -4.02 -1.74
N VAL A 78 -5.72 -4.64 -2.28
CA VAL A 78 -5.51 -4.68 -3.72
C VAL A 78 -6.76 -5.21 -4.43
N GLU A 79 -7.43 -6.17 -3.80
CA GLU A 79 -8.64 -6.76 -4.36
C GLU A 79 -9.71 -5.69 -4.55
N ALA A 80 -9.85 -4.82 -3.55
CA ALA A 80 -10.83 -3.75 -3.61
C ALA A 80 -10.51 -2.78 -4.75
N LEU A 81 -9.26 -2.37 -4.81
CA LEU A 81 -8.80 -1.43 -5.83
C LEU A 81 -9.05 -2.00 -7.23
N ARG A 82 -8.66 -3.26 -7.44
CA ARG A 82 -8.85 -3.92 -8.72
C ARG A 82 -10.32 -3.96 -9.12
N ALA A 83 -11.17 -4.27 -8.15
CA ALA A 83 -12.61 -4.36 -8.38
C ALA A 83 -13.17 -3.08 -8.99
N ARG A 84 -12.80 -1.94 -8.42
CA ARG A 84 -13.29 -0.66 -8.91
C ARG A 84 -12.40 -0.10 -10.04
N GLY A 85 -11.61 -0.96 -10.66
CA GLY A 85 -10.75 -0.54 -11.73
C GLY A 85 -9.78 0.53 -11.27
N VAL A 86 -9.29 0.37 -10.04
CA VAL A 86 -8.34 1.32 -9.47
C VAL A 86 -6.91 0.93 -9.80
N GLU A 87 -6.13 1.88 -10.27
CA GLU A 87 -4.73 1.62 -10.62
C GLU A 87 -3.92 1.20 -9.40
N VAL A 88 -3.16 0.13 -9.54
CA VAL A 88 -2.34 -0.39 -8.45
C VAL A 88 -1.13 -1.13 -8.99
N GLU A 89 0.00 -1.01 -8.29
CA GLU A 89 1.22 -1.67 -8.72
C GLU A 89 2.09 -2.06 -7.52
N LEU A 90 2.86 -3.12 -7.68
CA LEU A 90 3.73 -3.61 -6.62
C LEU A 90 5.15 -3.81 -7.15
N TRP A 91 6.13 -3.80 -6.24
CA TRP A 91 7.53 -3.98 -6.63
C TRP A 91 7.74 -5.31 -7.33
N ASP A 92 8.64 -5.31 -8.31
CA ASP A 92 8.94 -6.52 -9.09
C ASP A 92 7.74 -6.92 -9.95
N GLU A 93 8.00 -7.09 -11.24
CA GLU A 93 6.94 -7.47 -12.18
C GLU A 93 6.56 -8.92 -12.01
N ARG A 94 5.26 -9.17 -11.98
CA ARG A 94 4.75 -10.51 -11.81
C ARG A 94 4.94 -11.32 -13.10
N PHE A 95 5.42 -12.56 -12.94
CA PHE A 95 5.64 -13.43 -14.10
C PHE A 95 4.34 -13.68 -14.86
N THR A 96 4.43 -13.73 -16.18
CA THR A 96 3.26 -13.96 -17.02
C THR A 96 3.67 -14.31 -18.44
N THR A 97 4.68 -13.62 -18.96
CA THR A 97 5.17 -13.86 -20.32
C THR A 97 4.19 -13.35 -21.38
N LYS A 98 2.94 -13.79 -21.30
CA LYS A 98 1.92 -13.38 -22.25
C LYS A 98 0.55 -13.96 -21.88
N MET A 1 -0.12 12.51 -12.05
CA MET A 1 -1.03 11.53 -11.46
C MET A 1 -0.72 11.32 -9.98
N ARG A 2 -1.75 11.33 -9.16
CA ARG A 2 -1.60 11.14 -7.72
C ARG A 2 -1.65 9.64 -7.37
N VAL A 3 -0.71 9.20 -6.55
CA VAL A 3 -0.65 7.80 -6.16
C VAL A 3 -0.46 7.66 -4.65
N GLY A 4 -1.20 6.74 -4.05
CA GLY A 4 -1.09 6.51 -2.62
C GLY A 4 0.05 5.58 -2.27
N ALA A 5 0.93 6.02 -1.38
CA ALA A 5 2.06 5.20 -0.96
C ALA A 5 1.83 4.58 0.41
N LEU A 6 2.05 3.27 0.50
CA LEU A 6 1.86 2.55 1.75
C LEU A 6 3.15 1.83 2.17
N ASP A 7 3.43 1.86 3.47
CA ASP A 7 4.62 1.22 3.99
C ASP A 7 4.37 0.69 5.40
N VAL A 8 4.89 -0.50 5.68
CA VAL A 8 4.73 -1.12 6.99
C VAL A 8 6.06 -1.24 7.71
N GLY A 9 6.07 -0.86 8.98
CA GLY A 9 7.28 -0.93 9.79
C GLY A 9 7.02 -0.62 11.24
N GLU A 10 7.42 -1.53 12.12
CA GLU A 10 7.21 -1.35 13.55
C GLU A 10 5.73 -1.15 13.85
N ALA A 11 4.90 -1.97 13.23
CA ALA A 11 3.45 -1.90 13.41
C ALA A 11 2.85 -0.73 12.65
N ARG A 12 3.38 0.47 12.86
CA ARG A 12 2.88 1.66 12.19
C ARG A 12 3.11 1.59 10.68
N ILE A 13 2.12 2.06 9.93
CA ILE A 13 2.20 2.06 8.47
C ILE A 13 2.30 3.51 7.96
N GLY A 14 3.27 3.76 7.09
CA GLY A 14 3.45 5.11 6.57
C GLY A 14 2.46 5.46 5.47
N LEU A 15 1.97 6.69 5.49
CA LEU A 15 1.03 7.17 4.49
C LEU A 15 1.55 8.43 3.80
N ALA A 16 1.48 8.46 2.48
CA ALA A 16 1.96 9.62 1.73
C ALA A 16 1.33 9.67 0.33
N VAL A 17 1.94 10.45 -0.56
CA VAL A 17 1.44 10.60 -1.92
C VAL A 17 2.55 11.09 -2.85
N GLY A 18 2.55 10.59 -4.07
CA GLY A 18 3.56 10.98 -5.04
C GLY A 18 3.26 10.42 -6.42
N GLU A 19 4.31 10.15 -7.19
CA GLU A 19 4.13 9.61 -8.54
C GLU A 19 4.88 8.29 -8.70
N GLU A 20 4.12 7.22 -8.95
CA GLU A 20 4.70 5.89 -9.13
C GLU A 20 5.71 5.56 -8.04
N GLY A 21 5.34 5.82 -6.79
CA GLY A 21 6.23 5.52 -5.68
C GLY A 21 7.51 6.33 -5.73
N VAL A 22 7.99 6.76 -4.57
CA VAL A 22 9.21 7.55 -4.47
C VAL A 22 9.83 7.43 -3.08
N PRO A 23 11.16 7.27 -3.00
CA PRO A 23 11.85 7.15 -1.71
C PRO A 23 11.66 8.37 -0.82
N LEU A 24 11.28 8.13 0.42
CA LEU A 24 11.05 9.21 1.39
C LEU A 24 9.95 10.15 0.91
N ALA A 25 8.95 10.35 1.75
CA ALA A 25 7.83 11.24 1.42
C ALA A 25 6.77 11.21 2.51
N SER A 26 7.19 11.19 3.77
CA SER A 26 6.27 11.17 4.89
C SER A 26 5.66 12.55 5.11
N GLY A 27 4.34 12.59 5.30
CA GLY A 27 3.67 13.86 5.52
C GLY A 27 2.17 13.72 5.72
N ARG A 28 1.53 12.91 4.90
CA ARG A 28 0.08 12.70 4.99
C ARG A 28 -0.31 12.17 6.37
N GLY A 29 0.28 11.06 6.78
CA GLY A 29 -0.03 10.49 8.07
C GLY A 29 0.53 9.10 8.27
N TYR A 30 -0.25 8.23 8.89
CA TYR A 30 0.17 6.85 9.15
C TYR A 30 -0.93 6.08 9.87
N LEU A 31 -0.97 4.77 9.68
CA LEU A 31 -1.98 3.92 10.32
C LEU A 31 -1.36 2.68 10.92
N VAL A 32 -1.78 2.34 12.14
CA VAL A 32 -1.28 1.16 12.83
C VAL A 32 -1.91 -0.11 12.27
N ARG A 33 -1.21 -1.23 12.44
CA ARG A 33 -1.71 -2.52 11.94
C ARG A 33 -3.14 -2.78 12.41
N LYS A 34 -3.90 -3.51 11.59
CA LYS A 34 -5.28 -3.84 11.92
C LYS A 34 -5.64 -5.22 11.35
N THR A 35 -6.93 -5.46 11.11
CA THR A 35 -7.38 -6.74 10.56
C THR A 35 -7.55 -6.64 9.05
N LEU A 36 -8.35 -7.55 8.48
CA LEU A 36 -8.59 -7.54 7.04
C LEU A 36 -9.54 -6.42 6.65
N GLU A 37 -10.72 -6.40 7.27
CA GLU A 37 -11.73 -5.39 6.95
C GLU A 37 -11.32 -4.00 7.45
N GLU A 38 -10.70 -3.94 8.62
CA GLU A 38 -10.29 -2.66 9.18
C GLU A 38 -9.36 -1.92 8.23
N ASP A 39 -8.27 -2.58 7.85
CA ASP A 39 -7.29 -1.99 6.94
C ASP A 39 -7.94 -1.50 5.66
N VAL A 40 -8.85 -2.28 5.10
CA VAL A 40 -9.54 -1.90 3.87
C VAL A 40 -10.27 -0.58 4.05
N GLU A 41 -11.14 -0.57 5.05
CA GLU A 41 -11.93 0.62 5.37
C GLU A 41 -11.05 1.86 5.51
N ALA A 42 -9.96 1.73 6.25
CA ALA A 42 -9.03 2.84 6.46
C ALA A 42 -8.41 3.28 5.14
N LEU A 43 -7.92 2.32 4.38
CA LEU A 43 -7.29 2.60 3.09
C LEU A 43 -8.30 3.16 2.09
N LEU A 44 -9.46 2.52 2.00
CA LEU A 44 -10.50 2.95 1.08
C LEU A 44 -10.94 4.37 1.40
N ASP A 45 -11.21 4.64 2.67
CA ASP A 45 -11.63 5.96 3.10
C ASP A 45 -10.69 7.03 2.57
N PHE A 46 -9.40 6.71 2.54
CA PHE A 46 -8.40 7.65 2.05
C PHE A 46 -8.40 7.72 0.53
N VAL A 47 -8.47 6.56 -0.13
CA VAL A 47 -8.46 6.49 -1.58
C VAL A 47 -9.58 7.33 -2.21
N ARG A 48 -10.82 7.09 -1.79
CA ARG A 48 -11.96 7.83 -2.32
C ARG A 48 -11.98 9.28 -1.86
N ARG A 49 -12.06 9.48 -0.55
CA ARG A 49 -12.11 10.83 0.01
C ARG A 49 -11.00 11.71 -0.55
N GLU A 50 -9.76 11.21 -0.51
CA GLU A 50 -8.62 11.97 -1.02
C GLU A 50 -8.61 12.01 -2.55
N GLY A 51 -9.46 11.19 -3.17
CA GLY A 51 -9.52 11.15 -4.62
C GLY A 51 -8.21 10.72 -5.25
N LEU A 52 -7.55 9.75 -4.63
CA LEU A 52 -6.28 9.25 -5.13
C LEU A 52 -6.49 8.35 -6.36
N GLY A 53 -7.41 7.41 -6.23
CA GLY A 53 -7.69 6.51 -7.33
C GLY A 53 -6.44 5.79 -7.82
N LYS A 54 -5.47 5.64 -6.94
CA LYS A 54 -4.21 4.98 -7.26
C LYS A 54 -3.46 4.60 -5.99
N LEU A 55 -3.00 3.36 -5.91
CA LEU A 55 -2.27 2.91 -4.73
C LEU A 55 -1.09 2.00 -5.11
N VAL A 56 0.07 2.31 -4.53
CA VAL A 56 1.27 1.54 -4.78
C VAL A 56 1.79 0.92 -3.49
N VAL A 57 1.96 -0.39 -3.49
CA VAL A 57 2.43 -1.10 -2.30
C VAL A 57 3.94 -0.98 -2.15
N GLY A 58 4.37 -0.56 -0.95
CA GLY A 58 5.79 -0.41 -0.68
C GLY A 58 6.42 -1.71 -0.23
N LEU A 59 7.64 -1.98 -0.70
CA LEU A 59 8.35 -3.21 -0.34
C LEU A 59 9.85 -3.04 -0.52
N PRO A 60 10.65 -3.38 0.51
CA PRO A 60 12.11 -3.25 0.45
C PRO A 60 12.75 -4.35 -0.42
N LEU A 61 14.04 -4.56 -0.24
CA LEU A 61 14.77 -5.58 -1.00
C LEU A 61 14.37 -6.99 -0.52
N ARG A 62 14.12 -7.87 -1.49
CA ARG A 62 13.73 -9.24 -1.17
C ARG A 62 14.88 -9.98 -0.46
N THR A 63 14.56 -10.57 0.69
CA THR A 63 15.57 -11.30 1.46
C THR A 63 15.86 -12.66 0.82
N ASP A 64 14.81 -13.43 0.57
CA ASP A 64 14.95 -14.75 -0.04
C ASP A 64 13.59 -15.42 -0.21
N LEU A 65 13.33 -15.92 -1.40
CA LEU A 65 12.05 -16.58 -1.69
C LEU A 65 11.97 -17.94 -0.99
N LYS A 66 10.88 -18.14 -0.25
CA LYS A 66 10.67 -19.40 0.47
C LYS A 66 9.36 -19.34 1.25
N GLU A 67 8.46 -20.27 0.95
CA GLU A 67 7.16 -20.33 1.63
C GLU A 67 6.38 -19.04 1.43
N SER A 68 5.11 -19.16 1.09
CA SER A 68 4.26 -18.00 0.87
C SER A 68 4.12 -17.18 2.15
N ALA A 69 4.54 -15.93 2.10
CA ALA A 69 4.46 -15.04 3.26
C ALA A 69 3.06 -14.47 3.40
N GLN A 70 2.53 -14.52 4.63
CA GLN A 70 1.19 -13.99 4.90
C GLN A 70 1.15 -12.50 4.68
N ALA A 71 0.14 -12.05 3.94
CA ALA A 71 -0.02 -10.63 3.65
C ALA A 71 -0.34 -9.84 4.91
N GLY A 72 0.33 -8.71 5.08
CA GLY A 72 0.10 -7.87 6.25
C GLY A 72 -1.18 -7.08 6.15
N LYS A 73 -2.29 -7.75 5.85
CA LYS A 73 -3.58 -7.10 5.72
C LYS A 73 -3.55 -6.02 4.63
N VAL A 74 -2.59 -6.12 3.72
CA VAL A 74 -2.44 -5.16 2.64
C VAL A 74 -3.03 -5.71 1.34
N LEU A 75 -2.72 -6.96 1.04
CA LEU A 75 -3.21 -7.62 -0.16
C LEU A 75 -4.73 -7.53 -0.28
N PRO A 76 -5.47 -7.89 0.77
CA PRO A 76 -6.94 -7.85 0.76
C PRO A 76 -7.49 -6.54 0.19
N LEU A 77 -6.86 -5.43 0.55
CA LEU A 77 -7.28 -4.13 0.05
C LEU A 77 -6.96 -3.97 -1.43
N VAL A 78 -5.80 -4.48 -1.83
CA VAL A 78 -5.38 -4.40 -3.22
C VAL A 78 -6.44 -4.99 -4.14
N GLU A 79 -7.10 -6.05 -3.68
CA GLU A 79 -8.14 -6.72 -4.45
C GLU A 79 -9.34 -5.80 -4.66
N ALA A 80 -9.69 -5.06 -3.61
CA ALA A 80 -10.81 -4.13 -3.67
C ALA A 80 -10.61 -3.08 -4.76
N LEU A 81 -9.41 -2.52 -4.79
CA LEU A 81 -9.07 -1.49 -5.77
C LEU A 81 -9.17 -2.03 -7.20
N ARG A 82 -8.59 -3.21 -7.42
CA ARG A 82 -8.62 -3.83 -8.74
C ARG A 82 -10.05 -4.07 -9.20
N ALA A 83 -10.89 -4.53 -8.28
CA ALA A 83 -12.29 -4.80 -8.59
C ALA A 83 -13.00 -3.55 -9.12
N ARG A 84 -12.71 -2.40 -8.50
CA ARG A 84 -13.32 -1.15 -8.92
C ARG A 84 -12.54 -0.48 -10.05
N GLY A 85 -11.71 -1.24 -10.74
CA GLY A 85 -10.93 -0.69 -11.84
C GLY A 85 -10.00 0.40 -11.37
N VAL A 86 -9.43 0.21 -10.19
CA VAL A 86 -8.51 1.19 -9.62
C VAL A 86 -7.07 0.79 -9.88
N GLU A 87 -6.25 1.76 -10.30
CA GLU A 87 -4.84 1.50 -10.59
C GLU A 87 -4.08 1.11 -9.32
N VAL A 88 -3.37 -0.02 -9.39
CA VAL A 88 -2.61 -0.52 -8.25
C VAL A 88 -1.50 -1.45 -8.72
N GLU A 89 -0.37 -1.42 -8.04
CA GLU A 89 0.77 -2.27 -8.40
C GLU A 89 1.86 -2.25 -7.33
N LEU A 90 2.46 -3.42 -7.10
CA LEU A 90 3.53 -3.54 -6.13
C LEU A 90 4.76 -2.77 -6.58
N TRP A 91 5.43 -2.10 -5.64
CA TRP A 91 6.62 -1.32 -5.97
C TRP A 91 7.73 -1.58 -4.95
N ASP A 92 8.96 -1.74 -5.44
CA ASP A 92 10.10 -1.99 -4.58
C ASP A 92 10.34 -0.80 -3.64
N GLU A 93 11.50 -0.14 -3.74
CA GLU A 93 11.81 1.00 -2.89
C GLU A 93 13.15 1.61 -3.26
N ARG A 94 13.18 2.94 -3.26
CA ARG A 94 14.37 3.70 -3.59
C ARG A 94 14.98 3.27 -4.93
N PHE A 95 15.41 4.24 -5.72
CA PHE A 95 16.01 3.98 -7.02
C PHE A 95 17.22 3.05 -6.88
N THR A 96 17.34 2.11 -7.82
CA THR A 96 18.45 1.16 -7.81
C THR A 96 18.57 0.44 -9.15
N THR A 97 17.43 0.06 -9.71
CA THR A 97 17.42 -0.64 -11.00
C THR A 97 16.01 -0.72 -11.57
N LYS A 98 15.87 -0.45 -12.86
CA LYS A 98 14.58 -0.49 -13.53
C LYS A 98 13.95 -1.88 -13.41
N MET A 1 0.01 13.93 -11.15
CA MET A 1 -0.69 12.71 -10.78
C MET A 1 -0.29 12.26 -9.38
N ARG A 2 -1.30 11.99 -8.54
CA ARG A 2 -1.05 11.56 -7.18
C ARG A 2 -1.22 10.05 -7.03
N VAL A 3 -0.29 9.42 -6.33
CA VAL A 3 -0.34 7.97 -6.12
C VAL A 3 -0.28 7.64 -4.64
N GLY A 4 -1.18 6.76 -4.20
CA GLY A 4 -1.20 6.37 -2.80
C GLY A 4 -0.10 5.39 -2.47
N ALA A 5 0.73 5.74 -1.48
CA ALA A 5 1.84 4.87 -1.09
C ALA A 5 1.61 4.30 0.31
N LEU A 6 1.85 3.00 0.45
CA LEU A 6 1.67 2.32 1.72
C LEU A 6 2.91 1.51 2.10
N ASP A 7 3.28 1.56 3.36
CA ASP A 7 4.45 0.84 3.86
C ASP A 7 4.22 0.38 5.30
N VAL A 8 4.65 -0.84 5.60
CA VAL A 8 4.47 -1.40 6.94
C VAL A 8 5.80 -1.43 7.69
N GLY A 9 5.76 -1.00 8.96
CA GLY A 9 6.96 -0.99 9.77
C GLY A 9 6.70 -0.55 11.20
N GLU A 10 7.21 -1.33 12.15
CA GLU A 10 7.03 -1.03 13.57
C GLU A 10 5.55 -0.87 13.93
N ALA A 11 4.77 -1.87 13.55
CA ALA A 11 3.34 -1.88 13.83
C ALA A 11 2.69 -0.57 13.37
N ARG A 12 3.19 -0.03 12.28
CA ARG A 12 2.67 1.22 11.74
C ARG A 12 2.81 1.26 10.23
N ILE A 13 1.79 1.79 9.57
CA ILE A 13 1.79 1.90 8.11
C ILE A 13 2.08 3.33 7.67
N GLY A 14 3.05 3.52 6.79
CA GLY A 14 3.38 4.85 6.32
C GLY A 14 2.49 5.31 5.18
N LEU A 15 1.94 6.51 5.31
CA LEU A 15 1.06 7.07 4.29
C LEU A 15 1.77 8.15 3.49
N ALA A 16 1.68 8.05 2.17
CA ALA A 16 2.31 9.02 1.28
C ALA A 16 1.53 9.17 -0.02
N VAL A 17 1.55 10.37 -0.58
CA VAL A 17 0.84 10.63 -1.82
C VAL A 17 1.61 11.61 -2.70
N GLY A 18 1.98 11.16 -3.89
CA GLY A 18 2.72 11.99 -4.82
C GLY A 18 3.05 11.26 -6.11
N GLU A 19 4.17 11.63 -6.72
CA GLU A 19 4.59 11.01 -7.97
C GLU A 19 5.02 9.57 -7.73
N GLU A 20 4.77 8.70 -8.70
CA GLU A 20 5.12 7.30 -8.59
C GLU A 20 6.60 7.12 -8.21
N GLY A 21 6.85 6.27 -7.23
CA GLY A 21 8.21 6.03 -6.79
C GLY A 21 8.88 7.26 -6.22
N VAL A 22 8.21 7.89 -5.25
CA VAL A 22 8.75 9.09 -4.62
C VAL A 22 10.10 8.81 -3.95
N PRO A 23 11.14 9.61 -4.27
CA PRO A 23 12.47 9.43 -3.69
C PRO A 23 12.52 9.78 -2.21
N LEU A 24 11.67 9.15 -1.42
CA LEU A 24 11.63 9.42 0.02
C LEU A 24 10.62 8.49 0.70
N ALA A 25 9.46 8.31 0.08
CA ALA A 25 8.42 7.45 0.62
C ALA A 25 7.88 8.03 1.93
N SER A 26 6.56 7.97 2.09
CA SER A 26 5.90 8.48 3.29
C SER A 26 6.11 9.99 3.41
N GLY A 27 5.03 10.72 3.65
CA GLY A 27 5.11 12.16 3.80
C GLY A 27 3.76 12.81 3.94
N ARG A 28 2.90 12.23 4.79
CA ARG A 28 1.56 12.76 5.02
C ARG A 28 1.02 12.29 6.36
N GLY A 29 1.19 11.00 6.65
CA GLY A 29 0.72 10.44 7.91
C GLY A 29 1.14 9.01 8.09
N TYR A 30 0.24 8.19 8.64
CA TYR A 30 0.53 6.78 8.87
C TYR A 30 -0.65 6.07 9.52
N LEU A 31 -0.91 4.84 9.07
CA LEU A 31 -2.01 4.05 9.60
C LEU A 31 -1.48 2.93 10.52
N VAL A 32 -1.94 2.92 11.76
CA VAL A 32 -1.52 1.91 12.72
C VAL A 32 -2.16 0.56 12.38
N ARG A 33 -1.46 -0.53 12.69
CA ARG A 33 -1.98 -1.87 12.39
C ARG A 33 -3.43 -2.01 12.84
N LYS A 34 -4.19 -2.83 12.11
CA LYS A 34 -5.60 -3.06 12.43
C LYS A 34 -5.98 -4.51 12.13
N THR A 35 -6.97 -4.74 11.26
CA THR A 35 -7.38 -6.10 10.93
C THR A 35 -8.04 -6.21 9.56
N LEU A 36 -7.51 -7.15 8.77
CA LEU A 36 -7.98 -7.47 7.41
C LEU A 36 -9.05 -6.52 6.86
N GLU A 37 -10.26 -6.59 7.43
CA GLU A 37 -11.38 -5.77 6.98
C GLU A 37 -11.15 -4.29 7.28
N GLU A 38 -10.73 -4.01 8.49
CA GLU A 38 -10.48 -2.63 8.92
C GLU A 38 -9.43 -1.97 8.03
N ASP A 39 -8.29 -2.64 7.85
CA ASP A 39 -7.22 -2.11 7.02
C ASP A 39 -7.77 -1.64 5.68
N VAL A 40 -8.61 -2.47 5.07
CA VAL A 40 -9.24 -2.12 3.80
C VAL A 40 -10.09 -0.89 3.98
N GLU A 41 -10.92 -0.95 5.02
CA GLU A 41 -11.82 0.15 5.37
C GLU A 41 -11.05 1.46 5.52
N ALA A 42 -9.92 1.41 6.24
CA ALA A 42 -9.10 2.59 6.44
C ALA A 42 -8.52 3.10 5.14
N LEU A 43 -8.02 2.17 4.32
CA LEU A 43 -7.44 2.52 3.02
C LEU A 43 -8.49 3.05 2.06
N LEU A 44 -9.66 2.41 2.03
CA LEU A 44 -10.73 2.84 1.14
C LEU A 44 -11.14 4.28 1.42
N ASP A 45 -11.52 4.56 2.66
CA ASP A 45 -11.93 5.90 3.06
C ASP A 45 -10.92 6.94 2.58
N PHE A 46 -9.63 6.58 2.64
CA PHE A 46 -8.57 7.47 2.21
C PHE A 46 -8.52 7.58 0.68
N VAL A 47 -8.68 6.44 0.02
CA VAL A 47 -8.63 6.40 -1.44
C VAL A 47 -9.78 7.21 -2.08
N ARG A 48 -11.00 6.95 -1.63
CA ARG A 48 -12.16 7.67 -2.17
C ARG A 48 -12.22 9.12 -1.72
N ARG A 49 -12.36 9.33 -0.41
CA ARG A 49 -12.46 10.67 0.15
C ARG A 49 -11.37 11.60 -0.40
N GLU A 50 -10.12 11.16 -0.31
CA GLU A 50 -9.00 11.97 -0.79
C GLU A 50 -8.92 11.95 -2.32
N GLY A 51 -9.78 11.16 -2.97
CA GLY A 51 -9.77 11.08 -4.41
C GLY A 51 -8.42 10.66 -4.97
N LEU A 52 -7.78 9.72 -4.30
CA LEU A 52 -6.46 9.23 -4.72
C LEU A 52 -6.56 8.47 -6.04
N GLY A 53 -7.43 7.47 -6.07
CA GLY A 53 -7.61 6.67 -7.28
C GLY A 53 -6.29 6.11 -7.77
N LYS A 54 -5.46 5.66 -6.85
CA LYS A 54 -4.15 5.09 -7.20
C LYS A 54 -3.43 4.62 -5.94
N LEU A 55 -2.95 3.38 -5.96
CA LEU A 55 -2.25 2.84 -4.80
C LEU A 55 -1.06 1.98 -5.22
N VAL A 56 0.08 2.21 -4.57
CA VAL A 56 1.29 1.45 -4.85
C VAL A 56 1.79 0.76 -3.59
N VAL A 57 1.82 -0.57 -3.62
CA VAL A 57 2.26 -1.35 -2.47
C VAL A 57 3.79 -1.42 -2.40
N GLY A 58 4.30 -1.43 -1.17
CA GLY A 58 5.74 -1.51 -0.98
C GLY A 58 6.11 -2.35 0.23
N LEU A 59 6.94 -3.35 0.02
CA LEU A 59 7.37 -4.24 1.10
C LEU A 59 8.69 -4.93 0.74
N PRO A 60 9.65 -4.97 1.69
CA PRO A 60 10.94 -5.61 1.46
C PRO A 60 10.83 -7.13 1.35
N LEU A 61 11.41 -7.69 0.29
CA LEU A 61 11.37 -9.13 0.08
C LEU A 61 9.92 -9.60 -0.11
N ARG A 62 9.64 -10.22 -1.26
CA ARG A 62 8.30 -10.71 -1.55
C ARG A 62 8.06 -12.10 -1.00
N THR A 63 9.07 -12.97 -1.13
CA THR A 63 8.98 -14.36 -0.67
C THR A 63 7.70 -15.03 -1.18
N ASP A 64 6.96 -15.73 -0.31
CA ASP A 64 5.74 -16.41 -0.72
C ASP A 64 4.85 -15.51 -1.57
N LEU A 65 4.47 -16.00 -2.75
CA LEU A 65 3.63 -15.24 -3.67
C LEU A 65 2.17 -15.28 -3.22
N LYS A 66 1.72 -16.45 -2.76
CA LYS A 66 0.34 -16.62 -2.32
C LYS A 66 0.20 -17.82 -1.39
N GLU A 67 -0.77 -17.75 -0.49
CA GLU A 67 -1.01 -18.84 0.46
C GLU A 67 -2.44 -18.78 0.99
N SER A 68 -2.93 -17.57 1.27
CA SER A 68 -4.27 -17.38 1.79
C SER A 68 -4.40 -17.98 3.19
N ALA A 69 -5.57 -18.52 3.52
CA ALA A 69 -5.80 -19.11 4.84
C ALA A 69 -5.58 -18.07 5.94
N GLN A 70 -6.15 -16.89 5.75
CA GLN A 70 -6.02 -15.80 6.71
C GLN A 70 -4.57 -15.37 6.82
N ALA A 71 -4.26 -14.24 6.20
CA ALA A 71 -2.91 -13.70 6.23
C ALA A 71 -2.82 -12.42 5.42
N GLY A 72 -2.04 -11.45 5.91
CA GLY A 72 -1.88 -10.20 5.22
C GLY A 72 -3.14 -9.36 5.22
N LYS A 73 -3.01 -8.09 5.58
CA LYS A 73 -4.15 -7.19 5.63
C LYS A 73 -4.07 -6.15 4.51
N VAL A 74 -2.86 -5.82 4.10
CA VAL A 74 -2.65 -4.84 3.04
C VAL A 74 -3.04 -5.38 1.66
N LEU A 75 -2.64 -6.61 1.36
CA LEU A 75 -2.94 -7.22 0.07
C LEU A 75 -4.45 -7.24 -0.20
N PRO A 76 -5.25 -7.74 0.76
CA PRO A 76 -6.71 -7.81 0.60
C PRO A 76 -7.29 -6.52 0.00
N LEU A 77 -6.74 -5.38 0.41
CA LEU A 77 -7.20 -4.09 -0.09
C LEU A 77 -6.80 -3.91 -1.54
N VAL A 78 -5.62 -4.41 -1.90
CA VAL A 78 -5.13 -4.30 -3.27
C VAL A 78 -6.15 -4.88 -4.25
N GLU A 79 -6.82 -5.95 -3.84
CA GLU A 79 -7.82 -6.60 -4.68
C GLU A 79 -9.04 -5.70 -4.85
N ALA A 80 -9.43 -5.03 -3.77
CA ALA A 80 -10.59 -4.13 -3.80
C ALA A 80 -10.41 -3.05 -4.85
N LEU A 81 -9.22 -2.48 -4.91
CA LEU A 81 -8.91 -1.42 -5.86
C LEU A 81 -9.10 -1.90 -7.29
N ARG A 82 -8.60 -3.10 -7.58
CA ARG A 82 -8.73 -3.68 -8.92
C ARG A 82 -10.20 -3.80 -9.32
N ALA A 83 -11.03 -4.26 -8.40
CA ALA A 83 -12.45 -4.43 -8.65
C ALA A 83 -13.09 -3.10 -9.02
N ARG A 84 -12.69 -2.03 -8.34
CA ARG A 84 -13.23 -0.70 -8.59
C ARG A 84 -12.53 -0.02 -9.78
N GLY A 85 -11.81 -0.80 -10.58
CA GLY A 85 -11.11 -0.24 -11.73
C GLY A 85 -10.03 0.74 -11.31
N VAL A 86 -9.34 0.43 -10.23
CA VAL A 86 -8.28 1.30 -9.73
C VAL A 86 -6.90 0.67 -9.97
N GLU A 87 -5.96 1.48 -10.46
CA GLU A 87 -4.61 1.02 -10.73
C GLU A 87 -3.86 0.70 -9.44
N VAL A 88 -3.11 -0.38 -9.45
CA VAL A 88 -2.34 -0.81 -8.28
C VAL A 88 -1.16 -1.67 -8.68
N GLU A 89 -0.02 -1.46 -8.04
CA GLU A 89 1.19 -2.22 -8.35
C GLU A 89 2.22 -2.14 -7.21
N LEU A 90 2.72 -3.30 -6.80
CA LEU A 90 3.71 -3.37 -5.73
C LEU A 90 5.12 -3.12 -6.25
N TRP A 91 5.94 -2.50 -5.41
CA TRP A 91 7.33 -2.20 -5.78
C TRP A 91 8.11 -3.46 -6.12
N ASP A 92 9.11 -3.31 -6.98
CA ASP A 92 9.95 -4.43 -7.40
C ASP A 92 9.16 -5.44 -8.21
N GLU A 93 9.76 -5.90 -9.31
CA GLU A 93 9.11 -6.86 -10.19
C GLU A 93 10.03 -7.24 -11.34
N ARG A 94 10.23 -8.54 -11.50
CA ARG A 94 11.07 -9.05 -12.57
C ARG A 94 10.98 -10.57 -12.66
N PHE A 95 9.77 -11.09 -12.50
CA PHE A 95 9.54 -12.53 -12.57
C PHE A 95 9.58 -13.01 -14.02
N THR A 96 8.86 -12.31 -14.89
CA THR A 96 8.82 -12.66 -16.30
C THR A 96 7.89 -11.72 -17.06
N THR A 97 8.33 -11.27 -18.24
CA THR A 97 7.54 -10.37 -19.06
C THR A 97 6.18 -10.98 -19.40
N LYS A 98 5.13 -10.18 -19.25
CA LYS A 98 3.78 -10.65 -19.54
C LYS A 98 3.42 -11.84 -18.65
N MET A 1 0.84 13.58 -11.33
CA MET A 1 -0.14 12.57 -10.97
C MET A 1 0.00 12.17 -9.50
N ARG A 2 -1.12 12.05 -8.81
CA ARG A 2 -1.12 11.68 -7.40
C ARG A 2 -1.29 10.17 -7.25
N VAL A 3 -0.46 9.57 -6.39
CA VAL A 3 -0.52 8.13 -6.17
C VAL A 3 -0.40 7.81 -4.68
N GLY A 4 -1.25 6.89 -4.21
CA GLY A 4 -1.20 6.51 -2.81
C GLY A 4 -0.09 5.52 -2.52
N ALA A 5 0.65 5.76 -1.44
CA ALA A 5 1.76 4.89 -1.07
C ALA A 5 1.57 4.31 0.32
N LEU A 6 1.80 3.00 0.46
CA LEU A 6 1.64 2.33 1.74
C LEU A 6 2.91 1.55 2.10
N ASP A 7 3.28 1.61 3.37
CA ASP A 7 4.47 0.91 3.87
C ASP A 7 4.22 0.38 5.27
N VAL A 8 4.69 -0.84 5.54
CA VAL A 8 4.52 -1.46 6.85
C VAL A 8 5.82 -1.47 7.64
N GLY A 9 5.76 -0.97 8.88
CA GLY A 9 6.94 -0.95 9.72
C GLY A 9 6.81 -1.89 10.90
N GLU A 10 7.19 -1.43 12.08
CA GLU A 10 7.12 -2.24 13.29
C GLU A 10 5.67 -2.57 13.63
N ALA A 11 4.80 -1.57 13.53
CA ALA A 11 3.39 -1.75 13.82
C ALA A 11 2.59 -0.54 13.36
N ARG A 12 3.05 0.08 12.28
CA ARG A 12 2.39 1.25 11.73
C ARG A 12 2.56 1.30 10.22
N ILE A 13 1.52 1.79 9.53
CA ILE A 13 1.57 1.89 8.08
C ILE A 13 1.88 3.32 7.66
N GLY A 14 2.92 3.48 6.84
CA GLY A 14 3.30 4.80 6.39
C GLY A 14 2.44 5.30 5.24
N LEU A 15 1.91 6.51 5.37
CA LEU A 15 1.06 7.09 4.34
C LEU A 15 1.82 8.16 3.56
N ALA A 16 1.84 8.03 2.24
CA ALA A 16 2.53 8.98 1.38
C ALA A 16 1.80 9.13 0.05
N VAL A 17 1.87 10.30 -0.55
CA VAL A 17 1.20 10.56 -1.82
C VAL A 17 1.93 11.61 -2.64
N GLY A 18 2.12 11.32 -3.92
CA GLY A 18 2.79 12.25 -4.82
C GLY A 18 2.90 11.72 -6.23
N GLU A 19 3.96 12.12 -6.93
CA GLU A 19 4.18 11.69 -8.30
C GLU A 19 5.18 10.54 -8.35
N GLU A 20 5.24 9.85 -9.49
CA GLU A 20 6.16 8.73 -9.67
C GLU A 20 7.56 9.10 -9.22
N GLY A 21 8.01 10.29 -9.64
CA GLY A 21 9.34 10.75 -9.27
C GLY A 21 9.41 11.24 -7.84
N VAL A 22 8.99 10.40 -6.90
CA VAL A 22 9.01 10.76 -5.48
C VAL A 22 10.41 11.11 -5.02
N PRO A 23 10.58 12.21 -4.27
CA PRO A 23 11.88 12.64 -3.75
C PRO A 23 12.51 11.61 -2.83
N LEU A 24 11.69 11.01 -1.97
CA LEU A 24 12.17 9.99 -1.04
C LEU A 24 11.00 9.28 -0.36
N ALA A 25 9.98 10.04 0.01
CA ALA A 25 8.80 9.48 0.67
C ALA A 25 7.75 10.54 0.92
N SER A 26 8.18 11.72 1.36
CA SER A 26 7.27 12.83 1.63
C SER A 26 6.31 12.47 2.76
N GLY A 27 6.26 13.34 3.76
CA GLY A 27 5.37 13.11 4.90
C GLY A 27 3.93 13.41 4.57
N ARG A 28 3.01 12.67 5.19
CA ARG A 28 1.58 12.86 4.96
C ARG A 28 0.77 12.30 6.12
N GLY A 29 1.08 11.07 6.54
CA GLY A 29 0.36 10.47 7.65
C GLY A 29 0.84 9.05 7.95
N TYR A 30 -0.06 8.24 8.48
CA TYR A 30 0.27 6.86 8.82
C TYR A 30 -0.94 6.14 9.42
N LEU A 31 -1.11 4.87 9.06
CA LEU A 31 -2.22 4.07 9.56
C LEU A 31 -1.72 2.93 10.43
N VAL A 32 -2.21 2.86 11.67
CA VAL A 32 -1.81 1.81 12.58
C VAL A 32 -2.29 0.45 12.08
N ARG A 33 -1.52 -0.60 12.34
CA ARG A 33 -1.88 -1.95 11.90
C ARG A 33 -3.31 -2.30 12.34
N LYS A 34 -3.98 -3.10 11.53
CA LYS A 34 -5.35 -3.52 11.83
C LYS A 34 -5.60 -4.94 11.28
N THR A 35 -6.63 -5.13 10.47
CA THR A 35 -6.91 -6.47 9.94
C THR A 35 -7.75 -6.45 8.66
N LEU A 36 -7.29 -7.24 7.69
CA LEU A 36 -7.93 -7.39 6.37
C LEU A 36 -9.11 -6.45 6.12
N GLU A 37 -10.23 -6.70 6.78
CA GLU A 37 -11.44 -5.90 6.59
C GLU A 37 -11.28 -4.49 7.16
N GLU A 38 -10.79 -4.42 8.39
CA GLU A 38 -10.61 -3.13 9.05
C GLU A 38 -9.68 -2.23 8.23
N ASP A 39 -8.54 -2.76 7.84
CA ASP A 39 -7.56 -2.01 7.05
C ASP A 39 -8.22 -1.37 5.82
N VAL A 40 -9.08 -2.12 5.16
CA VAL A 40 -9.78 -1.62 3.98
C VAL A 40 -10.61 -0.41 4.36
N GLU A 41 -11.36 -0.55 5.43
CA GLU A 41 -12.22 0.51 5.94
C GLU A 41 -11.47 1.84 6.03
N ALA A 42 -10.30 1.82 6.65
CA ALA A 42 -9.49 3.03 6.79
C ALA A 42 -8.86 3.44 5.46
N LEU A 43 -8.32 2.46 4.74
CA LEU A 43 -7.68 2.70 3.46
C LEU A 43 -8.64 3.28 2.44
N LEU A 44 -9.82 2.67 2.31
CA LEU A 44 -10.81 3.15 1.36
C LEU A 44 -11.16 4.60 1.64
N ASP A 45 -11.50 4.89 2.90
CA ASP A 45 -11.86 6.24 3.31
C ASP A 45 -10.87 7.27 2.73
N PHE A 46 -9.60 6.91 2.73
CA PHE A 46 -8.56 7.80 2.22
C PHE A 46 -8.53 7.79 0.69
N VAL A 47 -8.60 6.59 0.11
CA VAL A 47 -8.55 6.43 -1.34
C VAL A 47 -9.66 7.22 -2.04
N ARG A 48 -10.91 7.04 -1.60
CA ARG A 48 -12.04 7.74 -2.21
C ARG A 48 -12.04 9.24 -1.90
N ARG A 49 -12.18 9.56 -0.63
CA ARG A 49 -12.22 10.96 -0.19
C ARG A 49 -11.04 11.77 -0.74
N GLU A 50 -9.83 11.24 -0.61
CA GLU A 50 -8.64 11.93 -1.10
C GLU A 50 -8.60 11.95 -2.62
N GLY A 51 -9.45 11.13 -3.26
CA GLY A 51 -9.50 11.08 -4.70
C GLY A 51 -8.17 10.66 -5.30
N LEU A 52 -7.50 9.71 -4.66
CA LEU A 52 -6.22 9.23 -5.14
C LEU A 52 -6.39 8.33 -6.36
N GLY A 53 -7.30 7.37 -6.26
CA GLY A 53 -7.54 6.46 -7.36
C GLY A 53 -6.27 5.78 -7.83
N LYS A 54 -5.33 5.60 -6.90
CA LYS A 54 -4.05 4.96 -7.20
C LYS A 54 -3.34 4.56 -5.92
N LEU A 55 -2.91 3.31 -5.84
CA LEU A 55 -2.20 2.83 -4.65
C LEU A 55 -1.04 1.92 -5.02
N VAL A 56 0.16 2.32 -4.60
CA VAL A 56 1.35 1.53 -4.86
C VAL A 56 1.71 0.71 -3.62
N VAL A 57 1.61 -0.60 -3.75
CA VAL A 57 1.90 -1.51 -2.65
C VAL A 57 3.40 -1.61 -2.38
N GLY A 58 3.75 -2.02 -1.17
CA GLY A 58 5.14 -2.16 -0.80
C GLY A 58 5.31 -3.17 0.34
N LEU A 59 6.22 -4.11 0.14
CA LEU A 59 6.48 -5.14 1.14
C LEU A 59 7.88 -5.73 0.98
N PRO A 60 8.52 -6.11 2.09
CA PRO A 60 9.86 -6.70 2.06
C PRO A 60 9.92 -7.97 1.21
N LEU A 61 8.77 -8.64 1.10
CA LEU A 61 8.68 -9.88 0.32
C LEU A 61 9.44 -11.01 1.03
N ARG A 62 9.84 -12.04 0.27
CA ARG A 62 10.56 -13.17 0.83
C ARG A 62 9.92 -13.64 2.13
N THR A 63 10.71 -14.26 3.02
CA THR A 63 10.19 -14.74 4.30
C THR A 63 8.96 -15.64 4.09
N ASP A 64 9.09 -16.60 3.18
CA ASP A 64 7.99 -17.52 2.88
C ASP A 64 7.84 -18.59 3.97
N LEU A 65 7.83 -18.16 5.22
CA LEU A 65 7.68 -19.08 6.35
C LEU A 65 6.21 -19.31 6.68
N LYS A 66 5.86 -20.55 7.00
CA LYS A 66 4.49 -20.89 7.33
C LYS A 66 3.97 -20.00 8.47
N GLU A 67 4.81 -19.77 9.46
CA GLU A 67 4.44 -18.94 10.61
C GLU A 67 4.04 -17.54 10.15
N SER A 68 4.90 -16.92 9.36
CA SER A 68 4.64 -15.58 8.85
C SER A 68 3.51 -15.60 7.83
N ALA A 69 2.55 -14.69 8.00
CA ALA A 69 1.41 -14.60 7.09
C ALA A 69 1.81 -13.97 5.77
N GLN A 70 1.44 -14.63 4.67
CA GLN A 70 1.74 -14.13 3.33
C GLN A 70 0.87 -12.93 2.99
N ALA A 71 1.51 -11.90 2.46
CA ALA A 71 0.81 -10.68 2.06
C ALA A 71 0.32 -9.89 3.28
N GLY A 72 -0.46 -10.54 4.13
CA GLY A 72 -0.96 -9.88 5.32
C GLY A 72 -2.18 -9.02 5.05
N LYS A 73 -2.21 -7.84 5.68
CA LYS A 73 -3.33 -6.91 5.53
C LYS A 73 -3.22 -6.07 4.26
N VAL A 74 -1.99 -5.83 3.81
CA VAL A 74 -1.75 -5.02 2.62
C VAL A 74 -2.37 -5.60 1.35
N LEU A 75 -2.08 -6.86 1.05
CA LEU A 75 -2.60 -7.50 -0.17
C LEU A 75 -4.13 -7.42 -0.22
N PRO A 76 -4.83 -7.81 0.87
CA PRO A 76 -6.29 -7.78 0.92
C PRO A 76 -6.87 -6.50 0.31
N LEU A 77 -6.20 -5.37 0.59
CA LEU A 77 -6.64 -4.09 0.07
C LEU A 77 -6.50 -4.04 -1.45
N VAL A 78 -5.39 -4.58 -1.94
CA VAL A 78 -5.13 -4.59 -3.38
C VAL A 78 -6.31 -5.23 -4.13
N GLU A 79 -6.92 -6.23 -3.50
CA GLU A 79 -8.06 -6.92 -4.12
C GLU A 79 -9.25 -5.98 -4.28
N ALA A 80 -9.50 -5.18 -3.26
CA ALA A 80 -10.61 -4.23 -3.28
C ALA A 80 -10.47 -3.25 -4.44
N LEU A 81 -9.26 -2.73 -4.61
CA LEU A 81 -8.97 -1.77 -5.65
C LEU A 81 -9.26 -2.35 -7.04
N ARG A 82 -8.89 -3.61 -7.25
CA ARG A 82 -9.12 -4.27 -8.53
C ARG A 82 -10.60 -4.25 -8.91
N ALA A 83 -11.46 -4.51 -7.94
CA ALA A 83 -12.91 -4.52 -8.18
C ALA A 83 -13.38 -3.19 -8.75
N ARG A 84 -13.02 -2.10 -8.08
CA ARG A 84 -13.42 -0.77 -8.53
C ARG A 84 -12.68 -0.39 -9.81
N GLY A 85 -11.49 -0.95 -9.99
CA GLY A 85 -10.70 -0.65 -11.17
C GLY A 85 -9.72 0.49 -10.94
N VAL A 86 -9.06 0.45 -9.80
CA VAL A 86 -8.08 1.48 -9.44
C VAL A 86 -6.66 0.99 -9.73
N GLU A 87 -5.82 1.88 -10.25
CA GLU A 87 -4.44 1.53 -10.56
C GLU A 87 -3.70 1.09 -9.30
N VAL A 88 -3.04 -0.05 -9.38
CA VAL A 88 -2.30 -0.58 -8.23
C VAL A 88 -1.12 -1.44 -8.69
N GLU A 89 -0.03 -1.38 -7.93
CA GLU A 89 1.16 -2.17 -8.25
C GLU A 89 2.19 -2.10 -7.13
N LEU A 90 2.59 -3.27 -6.63
CA LEU A 90 3.57 -3.35 -5.56
C LEU A 90 4.98 -3.09 -6.10
N TRP A 91 5.71 -2.21 -5.42
CA TRP A 91 7.08 -1.89 -5.84
C TRP A 91 8.04 -2.98 -5.42
N ASP A 92 9.02 -3.27 -6.27
CA ASP A 92 10.01 -4.31 -5.98
C ASP A 92 11.05 -4.39 -7.10
N GLU A 93 12.32 -4.45 -6.70
CA GLU A 93 13.41 -4.53 -7.67
C GLU A 93 13.38 -3.35 -8.63
N ARG A 94 13.21 -2.16 -8.07
CA ARG A 94 13.17 -0.95 -8.88
C ARG A 94 13.04 0.29 -8.00
N PHE A 95 13.85 1.30 -8.29
CA PHE A 95 13.82 2.55 -7.52
C PHE A 95 14.22 2.31 -6.08
N THR A 96 15.04 3.19 -5.54
CA THR A 96 15.51 3.09 -4.17
C THR A 96 14.34 3.04 -3.18
N THR A 97 14.45 2.18 -2.18
CA THR A 97 13.41 2.04 -1.17
C THR A 97 13.96 1.41 0.10
N LYS A 98 13.59 1.99 1.24
CA LYS A 98 14.06 1.50 2.54
C LYS A 98 15.57 1.57 2.64
N MET A 1 -1.60 12.76 -11.14
CA MET A 1 -0.64 11.68 -11.04
C MET A 1 -0.28 11.38 -9.59
N ARG A 2 -1.31 11.23 -8.74
CA ARG A 2 -1.10 10.94 -7.33
C ARG A 2 -1.21 9.44 -7.06
N VAL A 3 -0.25 8.89 -6.33
CA VAL A 3 -0.25 7.47 -6.00
C VAL A 3 -0.14 7.25 -4.50
N GLY A 4 -0.99 6.39 -3.95
CA GLY A 4 -0.96 6.11 -2.53
C GLY A 4 0.13 5.12 -2.18
N ALA A 5 0.98 5.49 -1.23
CA ALA A 5 2.07 4.61 -0.80
C ALA A 5 1.82 4.06 0.60
N LEU A 6 1.96 2.74 0.75
CA LEU A 6 1.74 2.09 2.03
C LEU A 6 2.99 1.37 2.50
N ASP A 7 3.30 1.51 3.79
CA ASP A 7 4.47 0.88 4.37
C ASP A 7 4.19 0.51 5.84
N VAL A 8 4.66 -0.66 6.25
CA VAL A 8 4.44 -1.12 7.62
C VAL A 8 5.73 -1.10 8.43
N GLY A 9 5.66 -0.58 9.65
CA GLY A 9 6.82 -0.52 10.51
C GLY A 9 6.53 0.07 11.87
N GLU A 10 6.99 -0.61 12.92
CA GLU A 10 6.78 -0.16 14.29
C GLU A 10 5.30 0.02 14.59
N ALA A 11 4.54 -1.03 14.35
CA ALA A 11 3.09 -1.01 14.61
C ALA A 11 2.45 0.24 14.02
N ARG A 12 2.94 0.68 12.87
CA ARG A 12 2.41 1.86 12.21
C ARG A 12 2.61 1.77 10.71
N ILE A 13 1.61 2.22 9.96
CA ILE A 13 1.68 2.20 8.50
C ILE A 13 1.92 3.60 7.94
N GLY A 14 2.95 3.72 7.10
CA GLY A 14 3.28 5.01 6.51
C GLY A 14 2.38 5.35 5.34
N LEU A 15 1.90 6.59 5.31
CA LEU A 15 1.04 7.07 4.23
C LEU A 15 1.74 8.15 3.42
N ALA A 16 1.66 8.02 2.09
CA ALA A 16 2.29 8.99 1.20
C ALA A 16 1.52 9.09 -0.12
N VAL A 17 1.55 10.27 -0.73
CA VAL A 17 0.85 10.49 -1.99
C VAL A 17 1.66 11.37 -2.92
N GLY A 18 1.97 10.84 -4.11
CA GLY A 18 2.74 11.58 -5.08
C GLY A 18 2.98 10.80 -6.36
N GLU A 19 4.11 11.06 -7.02
CA GLU A 19 4.45 10.36 -8.25
C GLU A 19 4.70 8.88 -7.97
N GLU A 20 4.50 8.05 -9.00
CA GLU A 20 4.69 6.62 -8.85
C GLU A 20 6.16 6.28 -8.57
N GLY A 21 6.39 5.53 -7.51
CA GLY A 21 7.73 5.13 -7.14
C GLY A 21 8.67 6.29 -6.88
N VAL A 22 8.23 7.27 -6.09
CA VAL A 22 9.07 8.43 -5.78
C VAL A 22 10.21 8.03 -4.84
N PRO A 23 11.45 8.46 -5.15
CA PRO A 23 12.61 8.14 -4.31
C PRO A 23 12.78 9.11 -3.15
N LEU A 24 11.66 9.52 -2.55
CA LEU A 24 11.68 10.45 -1.42
C LEU A 24 10.35 10.40 -0.68
N ALA A 25 9.25 10.36 -1.42
CA ALA A 25 7.91 10.31 -0.84
C ALA A 25 7.56 11.63 -0.16
N SER A 26 6.43 12.20 -0.56
CA SER A 26 5.97 13.47 0.01
C SER A 26 5.45 13.27 1.43
N GLY A 27 4.78 12.16 1.68
CA GLY A 27 4.25 11.88 2.99
C GLY A 27 2.96 12.64 3.26
N ARG A 28 2.00 11.97 3.89
CA ARG A 28 0.72 12.59 4.19
C ARG A 28 0.32 12.34 5.65
N GLY A 29 0.52 11.11 6.10
CA GLY A 29 0.17 10.77 7.47
C GLY A 29 0.64 9.37 7.86
N TYR A 30 -0.22 8.64 8.56
CA TYR A 30 0.11 7.29 9.00
C TYR A 30 -1.05 6.68 9.79
N LEU A 31 -1.15 5.35 9.72
CA LEU A 31 -2.21 4.64 10.42
C LEU A 31 -1.66 3.41 11.15
N VAL A 32 -2.08 3.23 12.39
CA VAL A 32 -1.64 2.09 13.20
C VAL A 32 -2.08 0.78 12.58
N ARG A 33 -1.24 -0.25 12.71
CA ARG A 33 -1.55 -1.56 12.15
C ARG A 33 -2.91 -2.06 12.63
N LYS A 34 -3.56 -2.87 11.81
CA LYS A 34 -4.87 -3.44 12.13
C LYS A 34 -4.99 -4.84 11.53
N THR A 35 -6.00 -5.07 10.69
CA THR A 35 -6.19 -6.37 10.06
C THR A 35 -6.82 -6.22 8.67
N LEU A 36 -6.33 -7.02 7.73
CA LEU A 36 -6.76 -7.00 6.33
C LEU A 36 -8.15 -6.38 6.12
N GLU A 37 -9.12 -6.72 6.98
CA GLU A 37 -10.47 -6.18 6.84
C GLU A 37 -10.54 -4.71 7.24
N GLU A 38 -9.99 -4.40 8.41
CA GLU A 38 -9.97 -3.02 8.90
C GLU A 38 -9.19 -2.16 7.94
N ASP A 39 -8.02 -2.67 7.59
CA ASP A 39 -7.12 -1.99 6.66
C ASP A 39 -7.90 -1.48 5.44
N VAL A 40 -8.81 -2.30 4.95
CA VAL A 40 -9.62 -1.93 3.79
C VAL A 40 -10.42 -0.67 4.08
N GLU A 41 -11.14 -0.69 5.19
CA GLU A 41 -11.96 0.45 5.61
C GLU A 41 -11.13 1.73 5.72
N ALA A 42 -10.03 1.65 6.46
CA ALA A 42 -9.16 2.81 6.65
C ALA A 42 -8.54 3.24 5.32
N LEU A 43 -8.07 2.26 4.55
CA LEU A 43 -7.45 2.52 3.26
C LEU A 43 -8.44 3.11 2.26
N LEU A 44 -9.60 2.46 2.13
CA LEU A 44 -10.62 2.94 1.20
C LEU A 44 -11.06 4.35 1.57
N ASP A 45 -11.35 4.57 2.84
CA ASP A 45 -11.76 5.89 3.32
C ASP A 45 -10.82 6.97 2.80
N PHE A 46 -9.52 6.65 2.79
CA PHE A 46 -8.52 7.59 2.31
C PHE A 46 -8.50 7.67 0.80
N VAL A 47 -8.58 6.52 0.13
CA VAL A 47 -8.56 6.46 -1.33
C VAL A 47 -9.69 7.28 -1.95
N ARG A 48 -10.92 7.04 -1.52
CA ARG A 48 -12.06 7.76 -2.07
C ARG A 48 -12.05 9.25 -1.70
N ARG A 49 -12.13 9.54 -0.41
CA ARG A 49 -12.14 10.92 0.08
C ARG A 49 -10.97 11.72 -0.49
N GLU A 50 -9.77 11.17 -0.39
CA GLU A 50 -8.58 11.85 -0.89
C GLU A 50 -8.55 11.86 -2.42
N GLY A 51 -9.44 11.09 -3.03
CA GLY A 51 -9.49 11.01 -4.48
C GLY A 51 -8.20 10.50 -5.08
N LEU A 52 -7.61 9.49 -4.44
CA LEU A 52 -6.36 8.91 -4.91
C LEU A 52 -6.60 8.07 -6.16
N GLY A 53 -7.54 7.15 -6.07
CA GLY A 53 -7.85 6.29 -7.20
C GLY A 53 -6.62 5.58 -7.73
N LYS A 54 -5.72 5.20 -6.82
CA LYS A 54 -4.49 4.52 -7.19
C LYS A 54 -3.65 4.25 -5.95
N LEU A 55 -3.17 3.02 -5.81
CA LEU A 55 -2.36 2.65 -4.64
C LEU A 55 -1.18 1.78 -5.04
N VAL A 56 -0.02 2.08 -4.45
CA VAL A 56 1.21 1.34 -4.72
C VAL A 56 1.86 0.85 -3.43
N VAL A 57 2.24 -0.42 -3.39
CA VAL A 57 2.89 -0.98 -2.21
C VAL A 57 4.35 -0.57 -2.14
N GLY A 58 4.82 -0.29 -0.93
CA GLY A 58 6.20 0.12 -0.75
C GLY A 58 6.73 -0.26 0.63
N LEU A 59 7.93 -0.83 0.65
CA LEU A 59 8.54 -1.24 1.91
C LEU A 59 10.06 -1.14 1.82
N PRO A 60 10.68 -0.24 2.60
CA PRO A 60 12.14 -0.05 2.59
C PRO A 60 12.87 -1.21 3.28
N LEU A 61 12.53 -1.46 4.54
CA LEU A 61 13.16 -2.52 5.31
C LEU A 61 12.60 -3.89 4.91
N ARG A 62 13.49 -4.81 4.58
CA ARG A 62 13.09 -6.16 4.19
C ARG A 62 12.87 -7.03 5.43
N THR A 63 11.76 -7.76 5.44
CA THR A 63 11.44 -8.63 6.57
C THR A 63 12.51 -9.70 6.75
N ASP A 64 13.04 -9.80 7.96
CA ASP A 64 14.07 -10.79 8.27
C ASP A 64 13.50 -12.20 8.33
N LEU A 65 12.52 -12.39 9.22
CA LEU A 65 11.88 -13.69 9.39
C LEU A 65 11.11 -14.08 8.13
N LYS A 66 11.41 -15.25 7.60
CA LYS A 66 10.73 -15.75 6.40
C LYS A 66 9.42 -16.44 6.76
N GLU A 67 8.36 -16.11 6.03
CA GLU A 67 7.05 -16.70 6.28
C GLU A 67 6.03 -16.20 5.26
N SER A 68 4.75 -16.39 5.58
CA SER A 68 3.66 -15.96 4.69
C SER A 68 3.79 -16.57 3.30
N ALA A 69 2.69 -17.14 2.81
CA ALA A 69 2.68 -17.76 1.49
C ALA A 69 2.96 -16.73 0.41
N GLN A 70 2.32 -15.57 0.53
CA GLN A 70 2.49 -14.49 -0.44
C GLN A 70 1.69 -13.27 -0.03
N ALA A 71 2.35 -12.12 -0.05
CA ALA A 71 1.72 -10.87 0.31
C ALA A 71 1.18 -10.92 1.75
N GLY A 72 0.04 -10.27 1.99
CA GLY A 72 -0.54 -10.28 3.32
C GLY A 72 -1.84 -9.49 3.39
N LYS A 73 -1.99 -8.67 4.42
CA LYS A 73 -3.18 -7.86 4.60
C LYS A 73 -3.34 -6.84 3.48
N VAL A 74 -2.23 -6.46 2.86
CA VAL A 74 -2.23 -5.48 1.78
C VAL A 74 -2.92 -6.01 0.52
N LEU A 75 -2.67 -7.27 0.17
CA LEU A 75 -3.25 -7.87 -1.03
C LEU A 75 -4.78 -7.73 -1.04
N PRO A 76 -5.47 -8.16 0.04
CA PRO A 76 -6.93 -8.06 0.12
C PRO A 76 -7.45 -6.72 -0.37
N LEU A 77 -6.73 -5.65 -0.02
CA LEU A 77 -7.11 -4.31 -0.43
C LEU A 77 -7.07 -4.17 -1.94
N VAL A 78 -6.03 -4.72 -2.55
CA VAL A 78 -5.86 -4.66 -3.99
C VAL A 78 -7.12 -5.16 -4.70
N GLU A 79 -7.77 -6.16 -4.10
CA GLU A 79 -8.98 -6.72 -4.66
C GLU A 79 -10.07 -5.65 -4.78
N ALA A 80 -10.20 -4.83 -3.74
CA ALA A 80 -11.18 -3.76 -3.73
C ALA A 80 -10.84 -2.70 -4.77
N LEU A 81 -9.60 -2.26 -4.77
CA LEU A 81 -9.13 -1.23 -5.70
C LEU A 81 -9.35 -1.66 -7.14
N ARG A 82 -8.88 -2.87 -7.46
CA ARG A 82 -9.02 -3.40 -8.82
C ARG A 82 -10.49 -3.47 -9.22
N ALA A 83 -11.35 -3.83 -8.27
CA ALA A 83 -12.78 -3.95 -8.53
C ALA A 83 -13.33 -2.66 -9.14
N ARG A 84 -12.93 -1.52 -8.59
CA ARG A 84 -13.39 -0.23 -9.09
C ARG A 84 -12.48 0.31 -10.20
N GLY A 85 -11.70 -0.58 -10.82
CA GLY A 85 -10.81 -0.16 -11.88
C GLY A 85 -9.78 0.82 -11.39
N VAL A 86 -9.27 0.57 -10.20
CA VAL A 86 -8.26 1.44 -9.60
C VAL A 86 -6.85 0.90 -9.86
N GLU A 87 -5.95 1.78 -10.31
CA GLU A 87 -4.58 1.39 -10.60
C GLU A 87 -3.86 0.96 -9.32
N VAL A 88 -3.23 -0.20 -9.36
CA VAL A 88 -2.51 -0.73 -8.19
C VAL A 88 -1.41 -1.69 -8.60
N GLU A 89 -0.30 -1.67 -7.87
CA GLU A 89 0.82 -2.54 -8.15
C GLU A 89 1.88 -2.46 -7.04
N LEU A 90 2.29 -3.61 -6.55
CA LEU A 90 3.31 -3.69 -5.50
C LEU A 90 4.70 -3.49 -6.09
N TRP A 91 5.60 -2.92 -5.29
CA TRP A 91 6.96 -2.67 -5.75
C TRP A 91 7.93 -2.54 -4.57
N ASP A 92 9.10 -3.16 -4.73
CA ASP A 92 10.13 -3.12 -3.70
C ASP A 92 11.38 -3.87 -4.17
N GLU A 93 11.16 -5.00 -4.83
CA GLU A 93 12.26 -5.81 -5.35
C GLU A 93 12.94 -5.11 -6.51
N ARG A 94 14.27 -5.06 -6.46
CA ARG A 94 15.03 -4.43 -7.52
C ARG A 94 16.50 -4.83 -7.46
N PHE A 95 17.08 -4.76 -6.27
CA PHE A 95 18.49 -5.11 -6.08
C PHE A 95 18.89 -4.99 -4.62
N THR A 96 19.52 -6.04 -4.09
CA THR A 96 19.96 -6.03 -2.70
C THR A 96 21.39 -5.51 -2.56
N THR A 97 21.68 -4.43 -3.29
CA THR A 97 23.01 -3.81 -3.26
C THR A 97 24.11 -4.80 -3.63
N LYS A 98 25.02 -4.38 -4.49
CA LYS A 98 26.12 -5.23 -4.92
C LYS A 98 27.01 -5.61 -3.75
N MET A 1 -0.27 12.45 -12.16
CA MET A 1 -1.16 11.57 -11.41
C MET A 1 -0.60 11.32 -10.01
N ARG A 2 -1.49 11.36 -9.02
CA ARG A 2 -1.10 11.13 -7.63
C ARG A 2 -1.15 9.64 -7.30
N VAL A 3 -0.12 9.15 -6.61
CA VAL A 3 -0.06 7.74 -6.23
C VAL A 3 0.03 7.58 -4.72
N GLY A 4 -0.81 6.71 -4.16
CA GLY A 4 -0.78 6.48 -2.74
C GLY A 4 0.21 5.41 -2.34
N ALA A 5 1.21 5.78 -1.56
CA ALA A 5 2.24 4.83 -1.13
C ALA A 5 1.93 4.29 0.25
N LEU A 6 2.04 2.97 0.40
CA LEU A 6 1.79 2.33 1.69
C LEU A 6 2.99 1.51 2.13
N ASP A 7 3.31 1.59 3.43
CA ASP A 7 4.42 0.87 4.00
C ASP A 7 4.10 0.43 5.42
N VAL A 8 4.58 -0.75 5.81
CA VAL A 8 4.31 -1.27 7.15
C VAL A 8 5.61 -1.62 7.88
N GLY A 9 5.64 -1.33 9.18
CA GLY A 9 6.82 -1.62 9.97
C GLY A 9 6.58 -1.45 11.47
N GLU A 10 7.04 -2.44 12.24
CA GLU A 10 6.87 -2.42 13.69
C GLU A 10 5.41 -2.53 14.10
N ALA A 11 4.64 -1.49 13.80
CA ALA A 11 3.23 -1.49 14.15
C ALA A 11 2.53 -0.23 13.63
N ARG A 12 2.95 0.23 12.46
CA ARG A 12 2.36 1.42 11.86
C ARG A 12 2.56 1.43 10.36
N ILE A 13 1.56 1.93 9.63
CA ILE A 13 1.63 2.00 8.18
C ILE A 13 1.92 3.42 7.72
N GLY A 14 2.91 3.57 6.83
CA GLY A 14 3.26 4.89 6.33
C GLY A 14 2.38 5.35 5.19
N LEU A 15 1.98 6.62 5.22
CA LEU A 15 1.14 7.19 4.17
C LEU A 15 1.87 8.29 3.39
N ALA A 16 1.79 8.21 2.06
CA ALA A 16 2.45 9.18 1.19
C ALA A 16 1.74 9.28 -0.15
N VAL A 17 1.71 10.48 -0.72
CA VAL A 17 1.07 10.70 -2.00
C VAL A 17 1.92 11.60 -2.90
N GLY A 18 2.21 11.12 -4.10
CA GLY A 18 3.02 11.88 -5.04
C GLY A 18 3.23 11.13 -6.35
N GLU A 19 4.37 11.38 -6.97
CA GLU A 19 4.70 10.72 -8.24
C GLU A 19 5.09 9.26 -7.99
N GLU A 20 5.00 8.45 -9.04
CA GLU A 20 5.33 7.03 -8.92
C GLU A 20 6.83 6.82 -8.65
N GLY A 21 7.13 6.02 -7.63
CA GLY A 21 8.51 5.73 -7.29
C GLY A 21 9.32 6.96 -6.89
N VAL A 22 8.74 7.80 -6.05
CA VAL A 22 9.43 9.01 -5.59
C VAL A 22 10.44 8.69 -4.48
N PRO A 23 11.67 9.21 -4.57
CA PRO A 23 12.70 8.98 -3.55
C PRO A 23 12.37 9.67 -2.25
N LEU A 24 12.53 8.95 -1.13
CA LEU A 24 12.24 9.51 0.18
C LEU A 24 10.77 9.92 0.26
N ALA A 25 9.89 8.99 -0.07
CA ALA A 25 8.45 9.24 -0.05
C ALA A 25 7.96 9.63 1.36
N SER A 26 6.81 9.10 1.76
CA SER A 26 6.23 9.39 3.07
C SER A 26 5.99 10.89 3.24
N GLY A 27 4.73 11.27 3.51
CA GLY A 27 4.40 12.66 3.68
C GLY A 27 2.91 12.91 3.67
N ARG A 28 2.17 12.16 4.48
CA ARG A 28 0.71 12.30 4.56
C ARG A 28 0.20 11.92 5.95
N GLY A 29 0.62 10.75 6.42
CA GLY A 29 0.19 10.28 7.73
C GLY A 29 0.68 8.89 8.03
N TYR A 30 -0.19 8.08 8.64
CA TYR A 30 0.15 6.71 8.98
C TYR A 30 -1.01 6.00 9.68
N LEU A 31 -1.18 4.71 9.38
CA LEU A 31 -2.25 3.92 9.98
C LEU A 31 -1.70 2.86 10.92
N VAL A 32 -2.20 2.84 12.15
CA VAL A 32 -1.77 1.84 13.13
C VAL A 32 -2.28 0.47 12.71
N ARG A 33 -1.48 -0.57 12.94
CA ARG A 33 -1.89 -1.92 12.58
C ARG A 33 -3.29 -2.27 13.10
N LYS A 34 -4.07 -2.96 12.27
CA LYS A 34 -5.42 -3.36 12.64
C LYS A 34 -5.67 -4.80 12.17
N THR A 35 -6.87 -5.08 11.66
CA THR A 35 -7.20 -6.41 11.18
C THR A 35 -7.24 -6.42 9.65
N LEU A 36 -7.92 -7.40 9.05
CA LEU A 36 -7.99 -7.48 7.60
C LEU A 36 -9.00 -6.47 7.05
N GLU A 37 -10.19 -6.45 7.63
CA GLU A 37 -11.25 -5.54 7.18
C GLU A 37 -10.94 -4.09 7.56
N GLU A 38 -10.40 -3.91 8.77
CA GLU A 38 -10.05 -2.57 9.25
C GLU A 38 -9.13 -1.87 8.27
N ASP A 39 -8.01 -2.52 8.00
CA ASP A 39 -7.01 -1.96 7.08
C ASP A 39 -7.63 -1.56 5.74
N VAL A 40 -8.49 -2.42 5.20
CA VAL A 40 -9.14 -2.14 3.92
C VAL A 40 -9.98 -0.87 4.02
N GLU A 41 -10.90 -0.88 4.98
CA GLU A 41 -11.79 0.25 5.21
C GLU A 41 -10.99 1.54 5.40
N ALA A 42 -9.94 1.47 6.21
CA ALA A 42 -9.09 2.64 6.46
C ALA A 42 -8.46 3.14 5.17
N LEU A 43 -7.92 2.21 4.39
CA LEU A 43 -7.29 2.55 3.12
C LEU A 43 -8.31 3.07 2.13
N LEU A 44 -9.45 2.40 2.03
CA LEU A 44 -10.51 2.82 1.12
C LEU A 44 -10.96 4.22 1.45
N ASP A 45 -11.41 4.41 2.69
CA ASP A 45 -11.88 5.71 3.15
C ASP A 45 -10.94 6.81 2.70
N PHE A 46 -9.64 6.56 2.79
CA PHE A 46 -8.63 7.53 2.38
C PHE A 46 -8.61 7.67 0.86
N VAL A 47 -8.69 6.55 0.16
CA VAL A 47 -8.65 6.55 -1.30
C VAL A 47 -9.88 7.20 -1.92
N ARG A 48 -11.07 6.88 -1.41
CA ARG A 48 -12.31 7.42 -1.95
C ARG A 48 -12.42 8.95 -1.79
N ARG A 49 -12.55 9.40 -0.55
CA ARG A 49 -12.69 10.82 -0.26
C ARG A 49 -11.54 11.64 -0.84
N GLU A 50 -10.32 11.20 -0.61
CA GLU A 50 -9.14 11.90 -1.11
C GLU A 50 -9.10 11.89 -2.63
N GLY A 51 -9.88 11.01 -3.24
CA GLY A 51 -9.91 10.92 -4.69
C GLY A 51 -8.55 10.59 -5.28
N LEU A 52 -7.80 9.76 -4.58
CA LEU A 52 -6.47 9.37 -5.04
C LEU A 52 -6.56 8.51 -6.29
N GLY A 53 -7.39 7.48 -6.23
CA GLY A 53 -7.56 6.59 -7.37
C GLY A 53 -6.25 6.01 -7.85
N LYS A 54 -5.38 5.66 -6.91
CA LYS A 54 -4.07 5.10 -7.25
C LYS A 54 -3.30 4.72 -5.98
N LEU A 55 -2.87 3.47 -5.90
CA LEU A 55 -2.13 3.01 -4.74
C LEU A 55 -0.99 2.08 -5.14
N VAL A 56 0.20 2.35 -4.60
CA VAL A 56 1.37 1.54 -4.89
C VAL A 56 1.80 0.75 -3.66
N VAL A 57 1.81 -0.58 -3.79
CA VAL A 57 2.20 -1.45 -2.68
C VAL A 57 3.69 -1.77 -2.74
N GLY A 58 4.27 -2.07 -1.58
CA GLY A 58 5.68 -2.40 -1.52
C GLY A 58 5.99 -3.32 -0.36
N LEU A 59 6.72 -4.40 -0.64
CA LEU A 59 7.09 -5.36 0.39
C LEU A 59 8.33 -6.15 -0.01
N PRO A 60 9.25 -6.37 0.94
CA PRO A 60 10.49 -7.12 0.68
C PRO A 60 10.22 -8.59 0.37
N LEU A 61 11.08 -9.19 -0.46
CA LEU A 61 10.95 -10.59 -0.84
C LEU A 61 9.70 -10.81 -1.70
N ARG A 62 9.85 -11.66 -2.72
CA ARG A 62 8.75 -11.97 -3.63
C ARG A 62 7.53 -12.46 -2.87
N THR A 63 6.35 -12.01 -3.28
CA THR A 63 5.11 -12.41 -2.64
C THR A 63 4.92 -13.92 -2.69
N ASP A 64 4.53 -14.49 -1.55
CA ASP A 64 4.31 -15.93 -1.45
C ASP A 64 3.18 -16.38 -2.37
N LEU A 65 3.35 -17.55 -2.99
CA LEU A 65 2.34 -18.08 -3.89
C LEU A 65 1.01 -18.29 -3.16
N LYS A 66 -0.08 -17.91 -3.81
CA LYS A 66 -1.41 -18.05 -3.21
C LYS A 66 -1.54 -17.17 -1.97
N GLU A 67 -2.66 -16.49 -1.84
CA GLU A 67 -2.89 -15.63 -0.69
C GLU A 67 -2.89 -16.43 0.60
N SER A 68 -2.00 -16.07 1.51
CA SER A 68 -1.89 -16.75 2.79
C SER A 68 -2.94 -16.23 3.78
N ALA A 69 -3.60 -17.15 4.47
CA ALA A 69 -4.61 -16.77 5.45
C ALA A 69 -4.01 -15.93 6.57
N GLN A 70 -2.90 -16.39 7.12
CA GLN A 70 -2.22 -15.68 8.19
C GLN A 70 -1.57 -14.42 7.66
N ALA A 71 -1.79 -13.32 8.36
CA ALA A 71 -1.25 -12.04 7.99
C ALA A 71 -1.72 -11.63 6.59
N GLY A 72 -0.87 -10.93 5.84
CA GLY A 72 -1.25 -10.50 4.50
C GLY A 72 -2.54 -9.72 4.49
N LYS A 73 -2.69 -8.81 5.45
CA LYS A 73 -3.89 -7.99 5.57
C LYS A 73 -3.90 -6.86 4.53
N VAL A 74 -2.70 -6.46 4.10
CA VAL A 74 -2.58 -5.37 3.12
C VAL A 74 -3.09 -5.78 1.73
N LEU A 75 -2.71 -6.98 1.28
CA LEU A 75 -3.10 -7.46 -0.04
C LEU A 75 -4.62 -7.36 -0.24
N PRO A 76 -5.42 -7.87 0.71
CA PRO A 76 -6.89 -7.85 0.62
C PRO A 76 -7.42 -6.52 0.08
N LEU A 77 -6.74 -5.43 0.40
CA LEU A 77 -7.14 -4.12 -0.06
C LEU A 77 -6.69 -3.87 -1.49
N VAL A 78 -5.49 -4.33 -1.82
CA VAL A 78 -4.95 -4.17 -3.16
C VAL A 78 -5.91 -4.72 -4.21
N GLU A 79 -6.58 -5.82 -3.87
CA GLU A 79 -7.54 -6.43 -4.77
C GLU A 79 -8.82 -5.61 -4.86
N ALA A 80 -9.18 -4.98 -3.75
CA ALA A 80 -10.38 -4.15 -3.70
C ALA A 80 -10.30 -3.02 -4.72
N LEU A 81 -9.13 -2.37 -4.76
CA LEU A 81 -8.90 -1.27 -5.68
C LEU A 81 -9.06 -1.72 -7.12
N ARG A 82 -8.42 -2.84 -7.45
CA ARG A 82 -8.48 -3.38 -8.81
C ARG A 82 -9.93 -3.65 -9.22
N ALA A 83 -10.72 -4.16 -8.28
CA ALA A 83 -12.12 -4.46 -8.54
C ALA A 83 -12.87 -3.25 -9.07
N ARG A 84 -12.59 -2.08 -8.48
CA ARG A 84 -13.24 -0.84 -8.91
C ARG A 84 -12.47 -0.16 -10.04
N GLY A 85 -11.65 -0.93 -10.75
CA GLY A 85 -10.87 -0.37 -11.84
C GLY A 85 -9.95 0.73 -11.37
N VAL A 86 -9.38 0.54 -10.19
CA VAL A 86 -8.46 1.51 -9.61
C VAL A 86 -7.01 1.14 -9.92
N GLU A 87 -6.22 2.14 -10.31
CA GLU A 87 -4.82 1.91 -10.64
C GLU A 87 -4.04 1.46 -9.40
N VAL A 88 -3.36 0.33 -9.52
CA VAL A 88 -2.57 -0.22 -8.41
C VAL A 88 -1.51 -1.18 -8.93
N GLU A 89 -0.37 -1.20 -8.25
CA GLU A 89 0.72 -2.08 -8.66
C GLU A 89 1.80 -2.18 -7.58
N LEU A 90 2.20 -3.41 -7.28
CA LEU A 90 3.23 -3.66 -6.28
C LEU A 90 4.59 -3.25 -6.80
N TRP A 91 5.42 -2.70 -5.93
CA TRP A 91 6.76 -2.25 -6.31
C TRP A 91 7.74 -2.42 -5.16
N ASP A 92 8.97 -2.82 -5.50
CA ASP A 92 10.01 -3.02 -4.49
C ASP A 92 11.38 -3.08 -5.14
N GLU A 93 11.47 -3.82 -6.25
CA GLU A 93 12.74 -3.96 -6.97
C GLU A 93 12.54 -4.74 -8.26
N ARG A 94 13.00 -4.16 -9.36
CA ARG A 94 12.89 -4.78 -10.66
C ARG A 94 14.12 -5.61 -10.98
N PHE A 95 15.30 -5.05 -10.70
CA PHE A 95 16.56 -5.74 -10.96
C PHE A 95 16.78 -6.89 -9.98
N THR A 96 15.84 -7.84 -9.95
CA THR A 96 15.95 -8.99 -9.07
C THR A 96 17.18 -9.83 -9.41
N THR A 97 17.40 -10.04 -10.70
CA THR A 97 18.54 -10.81 -11.16
C THR A 97 18.45 -12.26 -10.69
N LYS A 98 18.66 -13.20 -11.61
CA LYS A 98 18.60 -14.62 -11.28
C LYS A 98 17.25 -14.99 -10.69
N MET A 1 -0.89 13.34 -11.85
CA MET A 1 -1.50 12.21 -11.16
C MET A 1 -0.75 11.88 -9.86
N ARG A 2 -1.52 11.65 -8.80
CA ARG A 2 -0.96 11.32 -7.49
C ARG A 2 -1.13 9.84 -7.20
N VAL A 3 -0.12 9.22 -6.60
CA VAL A 3 -0.18 7.81 -6.26
C VAL A 3 -0.03 7.59 -4.76
N GLY A 4 -0.86 6.71 -4.21
CA GLY A 4 -0.82 6.42 -2.79
C GLY A 4 0.28 5.42 -2.45
N ALA A 5 1.08 5.74 -1.44
CA ALA A 5 2.17 4.85 -1.04
C ALA A 5 1.93 4.31 0.36
N LEU A 6 2.06 2.99 0.51
CA LEU A 6 1.86 2.33 1.80
C LEU A 6 3.09 1.54 2.21
N ASP A 7 3.46 1.66 3.47
CA ASP A 7 4.63 0.95 4.00
C ASP A 7 4.36 0.43 5.41
N VAL A 8 4.73 -0.82 5.66
CA VAL A 8 4.52 -1.43 6.96
C VAL A 8 5.78 -1.40 7.81
N GLY A 9 5.64 -0.92 9.04
CA GLY A 9 6.78 -0.85 9.95
C GLY A 9 6.60 -1.73 11.16
N GLU A 10 6.93 -1.20 12.34
CA GLU A 10 6.80 -1.96 13.58
C GLU A 10 5.35 -2.32 13.85
N ALA A 11 4.46 -1.37 13.62
CA ALA A 11 3.03 -1.58 13.83
C ALA A 11 2.21 -0.41 13.29
N ARG A 12 2.64 0.12 12.16
CA ARG A 12 1.96 1.26 11.54
C ARG A 12 2.22 1.30 10.05
N ILE A 13 1.22 1.76 9.30
CA ILE A 13 1.34 1.87 7.85
C ILE A 13 1.67 3.30 7.45
N GLY A 14 2.74 3.46 6.66
CA GLY A 14 3.13 4.78 6.23
C GLY A 14 2.27 5.29 5.09
N LEU A 15 1.71 6.49 5.27
CA LEU A 15 0.87 7.10 4.24
C LEU A 15 1.65 8.12 3.43
N ALA A 16 1.56 8.03 2.11
CA ALA A 16 2.26 8.94 1.22
C ALA A 16 1.51 9.12 -0.09
N VAL A 17 1.60 10.32 -0.65
CA VAL A 17 0.92 10.62 -1.90
C VAL A 17 1.73 11.63 -2.72
N GLY A 18 2.04 11.26 -3.95
CA GLY A 18 2.82 12.14 -4.81
C GLY A 18 3.08 11.52 -6.17
N GLU A 19 3.23 12.38 -7.18
CA GLU A 19 3.50 11.91 -8.54
C GLU A 19 4.79 11.10 -8.59
N GLU A 20 4.84 10.13 -9.48
CA GLU A 20 6.03 9.27 -9.63
C GLU A 20 7.32 10.08 -9.54
N GLY A 21 8.27 9.56 -8.77
CA GLY A 21 9.54 10.25 -8.60
C GLY A 21 9.41 11.51 -7.79
N VAL A 22 8.70 11.42 -6.66
CA VAL A 22 8.50 12.57 -5.79
C VAL A 22 9.83 13.04 -5.18
N PRO A 23 10.16 14.34 -5.31
CA PRO A 23 11.40 14.90 -4.77
C PRO A 23 11.43 14.81 -3.25
N LEU A 24 12.57 14.37 -2.71
CA LEU A 24 12.74 14.22 -1.26
C LEU A 24 11.90 13.08 -0.71
N ALA A 25 10.60 13.08 -1.02
CA ALA A 25 9.69 12.04 -0.55
C ALA A 25 9.43 12.17 0.95
N SER A 26 8.17 12.00 1.33
CA SER A 26 7.77 12.09 2.73
C SER A 26 6.32 11.69 2.90
N GLY A 27 6.05 10.80 3.85
CA GLY A 27 4.70 10.35 4.10
C GLY A 27 3.82 11.43 4.69
N ARG A 28 2.62 11.58 4.13
CA ARG A 28 1.67 12.58 4.61
C ARG A 28 1.22 12.26 6.03
N GLY A 29 1.07 10.97 6.31
CA GLY A 29 0.64 10.53 7.62
C GLY A 29 1.00 9.09 7.89
N TYR A 30 0.06 8.33 8.45
CA TYR A 30 0.30 6.92 8.76
C TYR A 30 -0.94 6.27 9.37
N LEU A 31 -1.22 5.05 8.94
CA LEU A 31 -2.38 4.31 9.44
C LEU A 31 -1.94 3.20 10.40
N VAL A 32 -2.51 3.20 11.61
CA VAL A 32 -2.17 2.18 12.59
C VAL A 32 -2.68 0.82 12.13
N ARG A 33 -1.83 -0.20 12.21
CA ARG A 33 -2.23 -1.54 11.79
C ARG A 33 -3.47 -2.01 12.52
N LYS A 34 -4.49 -2.38 11.76
CA LYS A 34 -5.75 -2.85 12.33
C LYS A 34 -5.91 -4.37 12.10
N THR A 35 -6.65 -4.76 11.06
CA THR A 35 -6.85 -6.17 10.74
C THR A 35 -7.63 -6.37 9.45
N LEU A 36 -7.07 -7.17 8.56
CA LEU A 36 -7.66 -7.52 7.26
C LEU A 36 -8.81 -6.60 6.81
N GLU A 37 -9.98 -6.78 7.42
CA GLU A 37 -11.17 -5.99 7.06
C GLU A 37 -11.01 -4.53 7.43
N GLU A 38 -10.53 -4.29 8.63
CA GLU A 38 -10.34 -2.92 9.11
C GLU A 38 -9.42 -2.15 8.18
N ASP A 39 -8.27 -2.75 7.90
CA ASP A 39 -7.28 -2.12 7.01
C ASP A 39 -7.93 -1.64 5.72
N VAL A 40 -8.80 -2.46 5.16
CA VAL A 40 -9.49 -2.11 3.91
C VAL A 40 -10.28 -0.82 4.08
N GLU A 41 -11.13 -0.80 5.09
CA GLU A 41 -11.97 0.37 5.38
C GLU A 41 -11.12 1.64 5.50
N ALA A 42 -10.05 1.57 6.30
CA ALA A 42 -9.17 2.70 6.50
C ALA A 42 -8.51 3.12 5.19
N LEU A 43 -7.99 2.14 4.46
CA LEU A 43 -7.33 2.40 3.18
C LEU A 43 -8.31 2.95 2.15
N LEU A 44 -9.48 2.34 2.04
CA LEU A 44 -10.48 2.78 1.09
C LEU A 44 -10.91 4.22 1.39
N ASP A 45 -11.30 4.46 2.63
CA ASP A 45 -11.72 5.79 3.05
C ASP A 45 -10.72 6.85 2.59
N PHE A 46 -9.43 6.50 2.67
CA PHE A 46 -8.37 7.42 2.27
C PHE A 46 -8.31 7.56 0.75
N VAL A 47 -8.45 6.44 0.05
CA VAL A 47 -8.40 6.44 -1.41
C VAL A 47 -9.55 7.21 -2.05
N ARG A 48 -10.78 6.90 -1.64
CA ARG A 48 -11.96 7.57 -2.20
C ARG A 48 -12.07 9.01 -1.73
N ARG A 49 -12.24 9.20 -0.43
CA ARG A 49 -12.38 10.54 0.14
C ARG A 49 -11.33 11.51 -0.38
N GLU A 50 -10.06 11.11 -0.32
CA GLU A 50 -8.97 11.96 -0.79
C GLU A 50 -8.87 11.94 -2.32
N GLY A 51 -9.72 11.14 -2.96
CA GLY A 51 -9.70 11.05 -4.41
C GLY A 51 -8.36 10.64 -4.96
N LEU A 52 -7.70 9.71 -4.28
CA LEU A 52 -6.39 9.23 -4.71
C LEU A 52 -6.52 8.34 -5.94
N GLY A 53 -7.33 7.30 -5.81
CA GLY A 53 -7.53 6.38 -6.92
C GLY A 53 -6.21 5.85 -7.46
N LYS A 54 -5.24 5.69 -6.57
CA LYS A 54 -3.93 5.18 -6.94
C LYS A 54 -3.17 4.67 -5.72
N LEU A 55 -2.67 3.45 -5.79
CA LEU A 55 -1.93 2.88 -4.66
C LEU A 55 -0.76 2.02 -5.14
N VAL A 56 0.39 2.24 -4.52
CA VAL A 56 1.61 1.50 -4.84
C VAL A 56 2.26 0.98 -3.56
N VAL A 57 2.44 -0.33 -3.48
CA VAL A 57 3.05 -0.94 -2.30
C VAL A 57 4.53 -1.19 -2.50
N GLY A 58 5.31 -0.98 -1.45
CA GLY A 58 6.74 -1.20 -1.52
C GLY A 58 7.28 -1.83 -0.26
N LEU A 59 7.68 -3.10 -0.36
CA LEU A 59 8.22 -3.82 0.79
C LEU A 59 9.62 -3.32 1.14
N PRO A 60 9.87 -3.02 2.43
CA PRO A 60 11.17 -2.53 2.89
C PRO A 60 12.18 -3.65 3.10
N LEU A 61 12.22 -4.61 2.17
CA LEU A 61 13.14 -5.74 2.27
C LEU A 61 12.97 -6.69 1.08
N ARG A 62 14.07 -7.01 0.42
CA ARG A 62 14.03 -7.91 -0.72
C ARG A 62 13.76 -9.34 -0.27
N THR A 63 14.55 -9.81 0.69
CA THR A 63 14.40 -11.16 1.22
C THR A 63 13.21 -11.25 2.17
N ASP A 64 12.50 -12.37 2.11
CA ASP A 64 11.34 -12.58 2.97
C ASP A 64 10.87 -14.04 2.89
N LEU A 65 10.63 -14.64 4.05
CA LEU A 65 10.18 -16.03 4.11
C LEU A 65 9.78 -16.40 5.54
N LYS A 66 9.09 -15.49 6.23
CA LYS A 66 8.65 -15.74 7.59
C LYS A 66 9.84 -15.89 8.53
N GLU A 67 9.68 -15.45 9.77
CA GLU A 67 10.75 -15.52 10.75
C GLU A 67 10.20 -15.55 12.17
N SER A 68 9.21 -14.71 12.44
CA SER A 68 8.60 -14.65 13.76
C SER A 68 7.32 -13.82 13.74
N ALA A 69 6.28 -14.34 14.39
CA ALA A 69 4.99 -13.66 14.46
C ALA A 69 4.38 -13.47 13.08
N GLN A 70 3.14 -13.91 12.92
CA GLN A 70 2.43 -13.80 11.66
C GLN A 70 1.97 -12.37 11.43
N ALA A 71 2.16 -11.91 10.19
CA ALA A 71 1.75 -10.56 9.85
C ALA A 71 1.48 -10.44 8.35
N GLY A 72 0.30 -9.91 8.03
CA GLY A 72 -0.08 -9.73 6.63
C GLY A 72 -1.55 -9.38 6.49
N LYS A 73 -1.82 -8.32 5.72
CA LYS A 73 -3.20 -7.89 5.50
C LYS A 73 -3.26 -6.67 4.60
N VAL A 74 -2.33 -6.60 3.64
CA VAL A 74 -2.28 -5.50 2.69
C VAL A 74 -2.92 -5.89 1.35
N LEU A 75 -2.61 -7.09 0.89
CA LEU A 75 -3.12 -7.60 -0.37
C LEU A 75 -4.65 -7.52 -0.44
N PRO A 76 -5.36 -8.00 0.61
CA PRO A 76 -6.82 -7.98 0.66
C PRO A 76 -7.41 -6.66 0.16
N LEU A 77 -6.77 -5.55 0.52
CA LEU A 77 -7.24 -4.24 0.10
C LEU A 77 -6.88 -3.98 -1.36
N VAL A 78 -5.71 -4.45 -1.77
CA VAL A 78 -5.26 -4.28 -3.15
C VAL A 78 -6.29 -4.82 -4.13
N GLU A 79 -6.94 -5.92 -3.74
CA GLU A 79 -7.95 -6.55 -4.58
C GLU A 79 -9.16 -5.64 -4.74
N ALA A 80 -9.54 -4.98 -3.66
CA ALA A 80 -10.67 -4.07 -3.67
C ALA A 80 -10.48 -2.95 -4.68
N LEU A 81 -9.29 -2.38 -4.69
CA LEU A 81 -8.96 -1.28 -5.59
C LEU A 81 -9.10 -1.73 -7.05
N ARG A 82 -8.51 -2.88 -7.37
CA ARG A 82 -8.57 -3.41 -8.73
C ARG A 82 -10.02 -3.62 -9.16
N ALA A 83 -10.83 -4.17 -8.26
CA ALA A 83 -12.23 -4.42 -8.53
C ALA A 83 -12.97 -3.12 -8.87
N ARG A 84 -12.62 -2.06 -8.16
CA ARG A 84 -13.24 -0.76 -8.37
C ARG A 84 -12.57 0.01 -9.52
N GLY A 85 -11.83 -0.71 -10.37
CA GLY A 85 -11.17 -0.07 -11.49
C GLY A 85 -10.12 0.93 -11.05
N VAL A 86 -9.42 0.59 -9.97
CA VAL A 86 -8.38 1.47 -9.44
C VAL A 86 -6.99 0.89 -9.73
N GLU A 87 -6.09 1.74 -10.22
CA GLU A 87 -4.73 1.32 -10.54
C GLU A 87 -3.96 0.96 -9.27
N VAL A 88 -3.30 -0.19 -9.29
CA VAL A 88 -2.53 -0.66 -8.15
C VAL A 88 -1.46 -1.65 -8.58
N GLU A 89 -0.30 -1.59 -7.96
CA GLU A 89 0.80 -2.50 -8.31
C GLU A 89 1.88 -2.54 -7.23
N LEU A 90 2.38 -3.73 -6.97
CA LEU A 90 3.44 -3.91 -5.97
C LEU A 90 4.79 -3.56 -6.57
N TRP A 91 5.47 -2.58 -5.98
CA TRP A 91 6.77 -2.14 -6.46
C TRP A 91 7.33 -1.01 -5.61
N ASP A 92 8.65 -0.81 -5.66
CA ASP A 92 9.28 0.25 -4.89
C ASP A 92 10.55 0.74 -5.56
N GLU A 93 11.38 -0.19 -6.05
CA GLU A 93 12.63 0.17 -6.70
C GLU A 93 12.39 1.08 -7.90
N ARG A 94 13.11 2.18 -7.94
CA ARG A 94 12.97 3.15 -9.02
C ARG A 94 13.84 2.76 -10.22
N PHE A 95 13.35 3.05 -11.42
CA PHE A 95 14.08 2.73 -12.64
C PHE A 95 13.48 3.45 -13.85
N THR A 96 13.19 4.74 -13.68
CA THR A 96 12.61 5.54 -14.76
C THR A 96 12.42 6.99 -14.32
N THR A 97 11.34 7.63 -14.78
CA THR A 97 11.07 9.02 -14.43
C THR A 97 12.16 9.94 -14.98
N LYS A 98 11.72 11.04 -15.59
CA LYS A 98 12.66 12.01 -16.15
C LYS A 98 11.91 13.19 -16.76
N MET A 1 0.10 14.50 -10.91
CA MET A 1 -0.28 13.11 -10.70
C MET A 1 0.05 12.66 -9.28
N ARG A 2 -0.96 12.14 -8.58
CA ARG A 2 -0.78 11.68 -7.21
C ARG A 2 -1.09 10.19 -7.10
N VAL A 3 -0.32 9.48 -6.28
CA VAL A 3 -0.52 8.05 -6.07
C VAL A 3 -0.42 7.69 -4.60
N GLY A 4 -1.27 6.76 -4.15
CA GLY A 4 -1.24 6.34 -2.77
C GLY A 4 -0.06 5.45 -2.46
N ALA A 5 0.64 5.75 -1.37
CA ALA A 5 1.80 4.98 -0.96
C ALA A 5 1.63 4.42 0.44
N LEU A 6 2.01 3.16 0.62
CA LEU A 6 1.88 2.51 1.92
C LEU A 6 3.16 1.78 2.32
N ASP A 7 3.49 1.86 3.61
CA ASP A 7 4.69 1.23 4.15
C ASP A 7 4.42 0.76 5.57
N VAL A 8 4.88 -0.44 5.90
CA VAL A 8 4.67 -0.99 7.24
C VAL A 8 5.93 -0.90 8.10
N GLY A 9 5.80 -0.27 9.26
CA GLY A 9 6.93 -0.13 10.16
C GLY A 9 6.94 -1.18 11.26
N GLU A 10 7.24 -0.75 12.48
CA GLU A 10 7.29 -1.65 13.63
C GLU A 10 5.89 -2.14 14.00
N ALA A 11 4.92 -1.22 13.99
CA ALA A 11 3.55 -1.56 14.33
C ALA A 11 2.58 -0.53 13.77
N ARG A 12 2.86 -0.09 12.55
CA ARG A 12 2.02 0.89 11.88
C ARG A 12 2.37 1.00 10.40
N ILE A 13 1.59 1.77 9.65
CA ILE A 13 1.83 1.94 8.23
C ILE A 13 1.92 3.42 7.87
N GLY A 14 2.93 3.77 7.07
CA GLY A 14 3.10 5.16 6.67
C GLY A 14 2.30 5.53 5.43
N LEU A 15 1.62 6.66 5.49
CA LEU A 15 0.82 7.13 4.37
C LEU A 15 1.59 8.17 3.57
N ALA A 16 1.62 8.01 2.25
CA ALA A 16 2.34 8.94 1.39
C ALA A 16 1.62 9.11 0.05
N VAL A 17 1.65 10.33 -0.48
CA VAL A 17 1.00 10.61 -1.75
C VAL A 17 1.89 11.46 -2.66
N GLY A 18 2.16 10.95 -3.85
CA GLY A 18 2.99 11.66 -4.80
C GLY A 18 3.17 10.90 -6.10
N GLU A 19 4.31 11.09 -6.75
CA GLU A 19 4.61 10.41 -8.00
C GLU A 19 4.70 8.90 -7.78
N GLU A 20 4.26 8.13 -8.77
CA GLU A 20 4.29 6.67 -8.67
C GLU A 20 5.64 6.18 -8.15
N GLY A 21 5.60 5.26 -7.20
CA GLY A 21 6.82 4.72 -6.62
C GLY A 21 7.57 5.75 -5.79
N VAL A 22 6.86 6.45 -4.91
CA VAL A 22 7.48 7.46 -4.07
C VAL A 22 8.53 6.84 -3.14
N PRO A 23 9.75 7.40 -3.10
CA PRO A 23 10.82 6.91 -2.25
C PRO A 23 10.75 7.44 -0.82
N LEU A 24 9.54 7.51 -0.28
CA LEU A 24 9.33 8.00 1.08
C LEU A 24 9.90 9.41 1.23
N ALA A 25 9.62 10.26 0.24
CA ALA A 25 10.10 11.63 0.26
C ALA A 25 9.54 12.39 1.46
N SER A 26 8.28 12.15 1.77
CA SER A 26 7.61 12.80 2.89
C SER A 26 6.31 12.09 3.23
N GLY A 27 6.16 11.72 4.49
CA GLY A 27 4.96 11.03 4.92
C GLY A 27 3.75 11.94 5.01
N ARG A 28 2.68 11.56 4.31
CA ARG A 28 1.44 12.33 4.31
C ARG A 28 0.70 12.10 5.62
N GLY A 29 0.74 10.86 6.11
CA GLY A 29 0.08 10.51 7.36
C GLY A 29 0.60 9.21 7.92
N TYR A 30 -0.23 8.53 8.71
CA TYR A 30 0.16 7.26 9.32
C TYR A 30 -1.06 6.46 9.77
N LEU A 31 -1.06 5.17 9.48
CA LEU A 31 -2.17 4.29 9.87
C LEU A 31 -1.65 3.15 10.74
N VAL A 32 -2.18 3.04 11.96
CA VAL A 32 -1.79 1.98 12.87
C VAL A 32 -2.20 0.62 12.34
N ARG A 33 -1.39 -0.41 12.59
CA ARG A 33 -1.71 -1.76 12.12
C ARG A 33 -3.12 -2.18 12.55
N LYS A 34 -3.75 -2.98 11.70
CA LYS A 34 -5.11 -3.46 11.96
C LYS A 34 -5.29 -4.85 11.37
N THR A 35 -6.31 -5.03 10.52
CA THR A 35 -6.56 -6.34 9.91
C THR A 35 -7.11 -6.21 8.51
N LEU A 36 -6.57 -7.03 7.61
CA LEU A 36 -6.95 -7.05 6.18
C LEU A 36 -8.29 -6.38 5.89
N GLU A 37 -9.35 -6.79 6.57
CA GLU A 37 -10.66 -6.21 6.34
C GLU A 37 -10.76 -4.79 6.90
N GLU A 38 -10.33 -4.63 8.14
CA GLU A 38 -10.35 -3.33 8.79
C GLU A 38 -9.49 -2.32 8.03
N ASP A 39 -8.26 -2.74 7.70
CA ASP A 39 -7.33 -1.89 6.96
C ASP A 39 -8.00 -1.32 5.72
N VAL A 40 -8.80 -2.13 5.04
CA VAL A 40 -9.50 -1.68 3.84
C VAL A 40 -10.33 -0.45 4.14
N GLU A 41 -11.10 -0.54 5.22
CA GLU A 41 -11.95 0.56 5.65
C GLU A 41 -11.16 1.86 5.78
N ALA A 42 -10.01 1.80 6.44
CA ALA A 42 -9.17 2.98 6.62
C ALA A 42 -8.56 3.43 5.30
N LEU A 43 -8.05 2.48 4.53
CA LEU A 43 -7.44 2.76 3.24
C LEU A 43 -8.44 3.32 2.24
N LEU A 44 -9.60 2.67 2.14
CA LEU A 44 -10.64 3.13 1.21
C LEU A 44 -11.08 4.54 1.57
N ASP A 45 -11.40 4.75 2.84
CA ASP A 45 -11.83 6.06 3.31
C ASP A 45 -10.91 7.16 2.78
N PHE A 46 -9.61 6.87 2.76
CA PHE A 46 -8.62 7.83 2.29
C PHE A 46 -8.59 7.87 0.76
N VAL A 47 -8.61 6.69 0.14
CA VAL A 47 -8.58 6.59 -1.32
C VAL A 47 -9.69 7.39 -1.99
N ARG A 48 -10.94 7.16 -1.57
CA ARG A 48 -12.07 7.86 -2.16
C ARG A 48 -12.11 9.34 -1.77
N ARG A 49 -12.22 9.60 -0.47
CA ARG A 49 -12.28 10.98 0.03
C ARG A 49 -11.12 11.82 -0.50
N GLU A 50 -9.89 11.30 -0.39
CA GLU A 50 -8.72 12.02 -0.87
C GLU A 50 -8.66 12.04 -2.40
N GLY A 51 -9.48 11.21 -3.04
CA GLY A 51 -9.50 11.15 -4.48
C GLY A 51 -8.18 10.69 -5.06
N LEU A 52 -7.56 9.71 -4.41
CA LEU A 52 -6.28 9.17 -4.86
C LEU A 52 -6.46 8.30 -6.10
N GLY A 53 -7.36 7.33 -6.00
CA GLY A 53 -7.61 6.43 -7.11
C GLY A 53 -6.33 5.78 -7.61
N LYS A 54 -5.38 5.59 -6.69
CA LYS A 54 -4.11 4.97 -7.03
C LYS A 54 -3.39 4.52 -5.78
N LEU A 55 -2.84 3.30 -5.80
CA LEU A 55 -2.12 2.78 -4.65
C LEU A 55 -0.87 2.01 -5.09
N VAL A 56 0.21 2.20 -4.34
CA VAL A 56 1.47 1.54 -4.65
C VAL A 56 2.27 1.28 -3.37
N VAL A 57 2.97 0.15 -3.31
CA VAL A 57 3.77 -0.20 -2.14
C VAL A 57 5.05 -0.93 -2.52
N GLY A 58 6.17 -0.47 -1.98
CA GLY A 58 7.45 -1.10 -2.25
C GLY A 58 7.74 -2.19 -1.23
N LEU A 59 7.66 -3.44 -1.67
CA LEU A 59 7.90 -4.57 -0.79
C LEU A 59 9.39 -4.90 -0.69
N PRO A 60 9.88 -5.22 0.51
CA PRO A 60 11.29 -5.55 0.73
C PRO A 60 11.73 -6.80 -0.01
N LEU A 61 10.87 -7.82 -0.03
CA LEU A 61 11.18 -9.07 -0.71
C LEU A 61 12.35 -9.78 -0.04
N ARG A 62 12.45 -11.09 -0.28
CA ARG A 62 13.51 -11.91 0.30
C ARG A 62 13.22 -12.20 1.78
N THR A 63 11.95 -12.52 2.06
CA THR A 63 11.53 -12.83 3.42
C THR A 63 12.02 -14.22 3.83
N ASP A 64 12.39 -14.37 5.11
CA ASP A 64 12.87 -15.65 5.61
C ASP A 64 11.89 -16.78 5.27
N LEU A 65 12.41 -17.82 4.64
CA LEU A 65 11.58 -18.96 4.25
C LEU A 65 11.12 -19.75 5.47
N LYS A 66 9.84 -20.10 5.50
CA LYS A 66 9.28 -20.87 6.60
C LYS A 66 7.81 -21.18 6.37
N GLU A 67 6.98 -20.13 6.40
CA GLU A 67 5.55 -20.28 6.19
C GLU A 67 4.90 -18.95 5.83
N SER A 68 5.11 -17.94 6.68
CA SER A 68 4.55 -16.62 6.46
C SER A 68 5.24 -15.91 5.30
N ALA A 69 4.45 -15.33 4.40
CA ALA A 69 4.99 -14.61 3.24
C ALA A 69 3.88 -14.13 2.32
N GLN A 70 2.97 -15.04 1.97
CA GLN A 70 1.85 -14.71 1.08
C GLN A 70 0.70 -14.09 1.85
N ALA A 71 0.99 -13.04 2.61
CA ALA A 71 -0.04 -12.36 3.37
C ALA A 71 0.53 -11.21 4.19
N GLY A 72 -0.18 -10.08 4.19
CA GLY A 72 0.27 -8.93 4.94
C GLY A 72 -0.79 -7.84 5.05
N LYS A 73 -2.05 -8.23 4.95
CA LYS A 73 -3.17 -7.29 5.06
C LYS A 73 -3.23 -6.30 3.88
N VAL A 74 -2.11 -6.12 3.18
CA VAL A 74 -2.07 -5.19 2.05
C VAL A 74 -2.69 -5.80 0.79
N LEU A 75 -2.41 -7.08 0.54
CA LEU A 75 -2.94 -7.78 -0.63
C LEU A 75 -4.46 -7.67 -0.70
N PRO A 76 -5.18 -8.06 0.38
CA PRO A 76 -6.64 -8.00 0.40
C PRO A 76 -7.17 -6.64 -0.07
N LEU A 77 -6.44 -5.58 0.26
CA LEU A 77 -6.85 -4.23 -0.15
C LEU A 77 -6.87 -4.12 -1.67
N VAL A 78 -5.85 -4.66 -2.31
CA VAL A 78 -5.76 -4.62 -3.76
C VAL A 78 -7.01 -5.22 -4.39
N GLU A 79 -7.55 -6.24 -3.73
CA GLU A 79 -8.75 -6.91 -4.22
C GLU A 79 -9.89 -5.91 -4.41
N ALA A 80 -10.06 -5.03 -3.43
CA ALA A 80 -11.11 -4.02 -3.49
C ALA A 80 -10.92 -3.08 -4.68
N LEU A 81 -9.69 -2.60 -4.83
CA LEU A 81 -9.36 -1.68 -5.91
C LEU A 81 -9.55 -2.34 -7.28
N ARG A 82 -9.12 -3.59 -7.40
CA ARG A 82 -9.26 -4.32 -8.66
C ARG A 82 -10.72 -4.37 -9.12
N ALA A 83 -11.62 -4.63 -8.19
CA ALA A 83 -13.04 -4.70 -8.51
C ALA A 83 -13.54 -3.38 -9.10
N ARG A 84 -13.16 -2.28 -8.46
CA ARG A 84 -13.54 -0.95 -8.92
C ARG A 84 -12.81 -0.59 -10.20
N GLY A 85 -11.60 -1.11 -10.36
CA GLY A 85 -10.80 -0.83 -11.53
C GLY A 85 -9.87 0.35 -11.32
N VAL A 86 -9.24 0.38 -10.16
CA VAL A 86 -8.31 1.46 -9.82
C VAL A 86 -6.87 1.00 -10.02
N GLU A 87 -6.02 1.90 -10.51
CA GLU A 87 -4.61 1.58 -10.73
C GLU A 87 -3.94 1.16 -9.42
N VAL A 88 -3.27 0.01 -9.45
CA VAL A 88 -2.60 -0.50 -8.26
C VAL A 88 -1.41 -1.38 -8.64
N GLU A 89 -0.32 -1.25 -7.89
CA GLU A 89 0.88 -2.03 -8.14
C GLU A 89 1.82 -1.94 -6.94
N LEU A 90 2.31 -3.09 -6.49
CA LEU A 90 3.22 -3.12 -5.35
C LEU A 90 4.11 -4.35 -5.41
N TRP A 91 5.42 -4.12 -5.37
CA TRP A 91 6.40 -5.20 -5.42
C TRP A 91 7.81 -4.64 -5.33
N ASP A 92 8.73 -5.41 -4.73
CA ASP A 92 10.11 -4.96 -4.59
C ASP A 92 10.63 -4.41 -5.92
N GLU A 93 11.26 -3.23 -5.85
CA GLU A 93 11.79 -2.58 -7.04
C GLU A 93 12.79 -3.48 -7.77
N ARG A 94 12.42 -3.89 -8.97
CA ARG A 94 13.25 -4.73 -9.80
C ARG A 94 12.82 -4.66 -11.26
N PHE A 95 12.32 -3.50 -11.66
CA PHE A 95 11.86 -3.29 -13.02
C PHE A 95 10.86 -4.38 -13.44
N THR A 96 9.99 -4.77 -12.51
CA THR A 96 8.99 -5.79 -12.78
C THR A 96 7.95 -5.30 -13.76
N THR A 97 7.73 -6.08 -14.82
CA THR A 97 6.75 -5.71 -15.84
C THR A 97 5.32 -5.91 -15.33
N LYS A 98 5.07 -7.06 -14.70
CA LYS A 98 3.75 -7.36 -14.17
C LYS A 98 3.40 -6.43 -13.01
#